data_7OWL
#
_entry.id   7OWL
#
_cell.length_a   76.486
_cell.length_b   77.631
_cell.length_c   216.881
_cell.angle_alpha   90.000
_cell.angle_beta   90.000
_cell.angle_gamma   90.000
#
_symmetry.space_group_name_H-M   'P 21 21 21'
#
loop_
_entity.id
_entity.type
_entity.pdbx_description
1 polymer 'Adenylate kinase'
2 non-polymer "CYTIDINE-5'-TRIPHOSPHATE"
3 water water
#
_entity_poly.entity_id   1
_entity_poly.type   'polypeptide(L)'
_entity_poly.pdbx_seq_one_letter_code
;MRFILTGVPGAGKTTVCNKLAEKMSNLSVVNYGDVIFEEAKKLYPSIIQVREDTRKLPRADYRNIQIEAAKKISLITDNL
IVDTHMSLKTPYGFYPGLIPETINIIQPDGIILLEFNPRDVIARREKDRLAGKRVTRDMESETDILLHQQVNRMFAVSYS
AINQCYVKIIDLTWPQEYEFQHTEYAVNKIIEMLNFKI
;
_entity_poly.pdbx_strand_id   A,B,C,D,E,F
#
loop_
_chem_comp.id
_chem_comp.type
_chem_comp.name
_chem_comp.formula
CTP non-polymer CYTIDINE-5'-TRIPHOSPHATE 'C9 H16 N3 O14 P3'
#
# COMPACT_ATOMS: atom_id res chain seq x y z
N MET A 1 28.04 15.68 -22.15
CA MET A 1 27.13 14.51 -22.12
C MET A 1 25.69 14.92 -22.46
N ARG A 2 24.91 13.97 -22.98
CA ARG A 2 23.57 14.26 -23.49
C ARG A 2 22.53 13.45 -22.73
N PHE A 3 21.53 14.14 -22.19
CA PHE A 3 20.46 13.52 -21.44
C PHE A 3 19.11 14.03 -21.92
N ILE A 4 18.14 13.12 -21.97
CA ILE A 4 16.77 13.44 -22.36
C ILE A 4 15.94 13.53 -21.08
N LEU A 5 15.54 14.75 -20.72
CA LEU A 5 14.77 14.98 -19.50
C LEU A 5 13.28 14.87 -19.80
N THR A 6 12.56 14.12 -18.98
CA THR A 6 11.15 13.84 -19.25
C THR A 6 10.38 13.74 -17.95
N GLY A 7 9.07 13.68 -18.08
CA GLY A 7 8.14 13.66 -16.98
C GLY A 7 6.78 14.13 -17.44
N VAL A 8 5.77 13.77 -16.65
CA VAL A 8 4.38 14.12 -16.98
C VAL A 8 4.28 15.63 -17.08
N PRO A 9 3.47 16.17 -17.99
CA PRO A 9 3.43 17.62 -18.17
C PRO A 9 2.68 18.31 -17.04
N GLY A 10 3.00 19.58 -16.86
CA GLY A 10 2.33 20.40 -15.88
C GLY A 10 2.74 20.14 -14.44
N ALA A 11 3.93 19.58 -14.23
CA ALA A 11 4.40 19.26 -12.88
C ALA A 11 5.64 20.04 -12.46
N GLY A 12 6.24 20.82 -13.36
CA GLY A 12 7.39 21.64 -13.01
C GLY A 12 8.64 21.30 -13.81
N LYS A 13 8.45 20.58 -14.91
CA LYS A 13 9.60 20.17 -15.73
C LYS A 13 10.30 21.39 -16.33
N THR A 14 9.53 22.32 -16.91
CA THR A 14 10.13 23.52 -17.48
C THR A 14 10.79 24.38 -16.42
N THR A 15 10.26 24.37 -15.19
CA THR A 15 10.94 25.05 -14.09
C THR A 15 12.35 24.48 -13.89
N VAL A 16 12.45 23.15 -13.82
CA VAL A 16 13.75 22.51 -13.67
C VAL A 16 14.66 22.87 -14.83
N CYS A 17 14.12 22.87 -16.05
CA CYS A 17 14.95 23.18 -17.22
C CYS A 17 15.50 24.60 -17.15
N ASN A 18 14.61 25.57 -16.87
CA ASN A 18 15.03 26.97 -16.84
C ASN A 18 16.02 27.22 -15.71
N LYS A 19 15.82 26.57 -14.56
CA LYS A 19 16.74 26.78 -13.45
C LYS A 19 18.08 26.10 -13.70
N LEU A 20 18.08 24.95 -14.40
CA LEU A 20 19.33 24.37 -14.87
C LEU A 20 20.08 25.34 -15.77
N ALA A 21 19.37 25.90 -16.75
CA ALA A 21 19.98 26.89 -17.63
C ALA A 21 20.57 28.05 -16.83
N GLU A 22 19.85 28.52 -15.83
CA GLU A 22 20.27 29.68 -15.01
C GLU A 22 21.43 29.33 -14.08
N LYS A 23 21.60 28.08 -13.66
CA LYS A 23 22.62 27.76 -12.65
C LYS A 23 23.94 27.35 -13.30
N MET A 24 23.90 26.45 -14.27
CA MET A 24 25.10 25.81 -14.79
C MET A 24 25.52 26.42 -16.13
N SER A 25 26.81 26.66 -16.28
CA SER A 25 27.36 27.21 -17.51
C SER A 25 27.71 26.10 -18.48
N ASN A 26 27.75 26.46 -19.77
CA ASN A 26 28.09 25.52 -20.84
C ASN A 26 27.08 24.38 -20.93
N LEU A 27 25.82 24.67 -20.60
CA LEU A 27 24.74 23.69 -20.65
C LEU A 27 23.63 24.24 -21.54
N SER A 28 23.38 23.57 -22.66
CA SER A 28 22.34 23.95 -23.60
C SER A 28 21.09 23.11 -23.30
N VAL A 29 19.98 23.78 -23.01
CA VAL A 29 18.71 23.13 -22.73
C VAL A 29 17.77 23.44 -23.89
N VAL A 30 17.36 22.40 -24.61
CA VAL A 30 16.54 22.55 -25.81
C VAL A 30 15.25 21.78 -25.60
N ASN A 31 14.14 22.31 -26.12
CA ASN A 31 12.84 21.67 -26.04
C ASN A 31 12.51 21.07 -27.41
N TYR A 32 12.45 19.74 -27.48
CA TYR A 32 12.22 19.06 -28.74
C TYR A 32 10.98 19.59 -29.44
N GLY A 33 9.90 19.82 -28.69
CA GLY A 33 8.68 20.31 -29.29
C GLY A 33 8.84 21.67 -29.95
N ASP A 34 9.63 22.55 -29.32
CA ASP A 34 9.86 23.86 -29.90
C ASP A 34 10.58 23.74 -31.25
N VAL A 35 11.61 22.89 -31.31
CA VAL A 35 12.33 22.69 -32.56
C VAL A 35 11.39 22.12 -33.62
N ILE A 36 10.57 21.15 -33.24
CA ILE A 36 9.65 20.54 -34.20
C ILE A 36 8.68 21.58 -34.73
N PHE A 37 8.15 22.43 -33.86
CA PHE A 37 7.21 23.46 -34.29
C PHE A 37 7.87 24.46 -35.23
N GLU A 38 9.09 24.89 -34.90
CA GLU A 38 9.81 25.82 -35.77
C GLU A 38 10.03 25.22 -37.15
N GLU A 39 10.50 23.97 -37.20
CA GLU A 39 10.75 23.34 -38.50
C GLU A 39 9.46 23.13 -39.28
N ALA A 40 8.36 22.82 -38.58
CA ALA A 40 7.08 22.66 -39.25
C ALA A 40 6.63 23.98 -39.86
N LYS A 41 6.69 25.06 -39.08
CA LYS A 41 6.40 26.38 -39.64
C LYS A 41 7.27 26.67 -40.85
N LYS A 42 8.55 26.28 -40.79
CA LYS A 42 9.45 26.57 -41.90
C LYS A 42 9.01 25.84 -43.17
N LEU A 43 8.81 24.53 -43.09
CA LEU A 43 8.55 23.75 -44.29
C LEU A 43 7.07 23.79 -44.72
N TYR A 44 6.17 24.19 -43.83
CA TYR A 44 4.74 24.28 -44.16
C TYR A 44 4.16 25.54 -43.52
N PRO A 45 4.55 26.72 -44.02
CA PRO A 45 3.95 27.96 -43.51
C PRO A 45 2.51 28.16 -43.94
N SER A 46 1.98 27.31 -44.83
CA SER A 46 0.61 27.45 -45.31
C SER A 46 -0.41 26.84 -44.36
N ILE A 47 0.01 26.02 -43.40
CA ILE A 47 -0.91 25.24 -42.58
C ILE A 47 -0.60 25.43 -41.11
N ILE A 48 0.68 25.57 -40.77
CA ILE A 48 1.10 25.68 -39.38
C ILE A 48 1.02 27.14 -38.97
N GLN A 49 -0.05 27.51 -38.28
CA GLN A 49 -0.16 28.82 -37.67
C GLN A 49 0.30 28.83 -36.23
N VAL A 50 -0.02 27.76 -35.49
CA VAL A 50 0.44 27.57 -34.12
C VAL A 50 0.76 26.09 -33.93
N ARG A 51 1.16 25.73 -32.72
CA ARG A 51 1.73 24.41 -32.47
C ARG A 51 0.73 23.30 -32.75
N GLU A 52 -0.47 23.41 -32.19
CA GLU A 52 -1.46 22.35 -32.36
C GLU A 52 -1.81 22.12 -33.82
N ASP A 53 -1.65 23.14 -34.67
CA ASP A 53 -1.90 22.96 -36.09
C ASP A 53 -1.08 21.82 -36.68
N THR A 54 -0.02 21.38 -35.97
CA THR A 54 0.79 20.26 -36.45
C THR A 54 -0.02 18.97 -36.58
N ARG A 55 -1.20 18.90 -35.96
CA ARG A 55 -2.04 17.72 -36.15
C ARG A 55 -2.53 17.61 -37.59
N LYS A 56 -2.66 18.75 -38.29
CA LYS A 56 -3.13 18.72 -39.66
C LYS A 56 -2.25 17.88 -40.57
N LEU A 57 -0.99 17.66 -40.19
CA LEU A 57 -0.06 16.97 -41.06
C LEU A 57 -0.40 15.50 -41.21
N PRO A 58 0.05 14.85 -42.27
CA PRO A 58 0.11 13.39 -42.28
C PRO A 58 1.30 12.92 -41.47
N ARG A 59 1.17 11.70 -40.92
CA ARG A 59 2.15 11.22 -39.96
C ARG A 59 3.55 11.11 -40.55
N ALA A 60 3.65 10.85 -41.85
CA ALA A 60 4.98 10.71 -42.46
C ALA A 60 5.73 12.03 -42.45
N ASP A 61 5.09 13.10 -42.89
CA ASP A 61 5.75 14.41 -42.92
C ASP A 61 6.08 14.89 -41.52
N TYR A 62 5.18 14.68 -40.55
CA TYR A 62 5.48 15.06 -39.18
C TYR A 62 6.63 14.25 -38.62
N ARG A 63 6.71 12.97 -38.96
CA ARG A 63 7.84 12.15 -38.55
C ARG A 63 9.14 12.69 -39.12
N ASN A 64 9.12 13.10 -40.39
CA ASN A 64 10.32 13.66 -40.99
C ASN A 64 10.67 15.01 -40.37
N ILE A 65 9.67 15.78 -39.95
CA ILE A 65 9.94 17.02 -39.23
C ILE A 65 10.60 16.72 -37.89
N GLN A 66 10.11 15.69 -37.20
CA GLN A 66 10.77 15.25 -35.97
C GLN A 66 12.21 14.85 -36.24
N ILE A 67 12.46 14.16 -37.35
CA ILE A 67 13.82 13.74 -37.69
C ILE A 67 14.71 14.95 -37.93
N GLU A 68 14.20 15.95 -38.64
CA GLU A 68 15.00 17.15 -38.89
C GLU A 68 15.27 17.92 -37.61
N ALA A 69 14.28 17.99 -36.72
CA ALA A 69 14.49 18.65 -35.43
C ALA A 69 15.54 17.91 -34.62
N ALA A 70 15.48 16.58 -34.61
CA ALA A 70 16.50 15.79 -33.90
C ALA A 70 17.87 16.01 -34.50
N LYS A 71 17.95 16.12 -35.83
CA LYS A 71 19.21 16.42 -36.49
C LYS A 71 19.77 17.75 -36.02
N LYS A 72 18.95 18.80 -36.06
CA LYS A 72 19.41 20.11 -35.62
C LYS A 72 19.84 20.08 -34.16
N ILE A 73 19.13 19.35 -33.32
CA ILE A 73 19.49 19.27 -31.91
C ILE A 73 20.81 18.52 -31.75
N SER A 74 21.07 17.53 -32.59
CA SER A 74 22.31 16.77 -32.49
C SER A 74 23.53 17.59 -32.89
N LEU A 75 23.35 18.64 -33.69
CA LEU A 75 24.47 19.48 -34.11
C LEU A 75 25.09 20.26 -32.95
N ILE A 76 24.46 20.27 -31.78
CA ILE A 76 25.02 21.00 -30.65
C ILE A 76 26.20 20.22 -30.07
N THR A 77 27.12 20.95 -29.46
CA THR A 77 28.46 20.43 -29.19
C THR A 77 28.67 19.97 -27.76
N ASP A 78 28.30 20.77 -26.77
CA ASP A 78 28.69 20.53 -25.39
C ASP A 78 27.52 19.90 -24.61
N ASN A 79 27.53 20.04 -23.29
CA ASN A 79 26.50 19.45 -22.45
C ASN A 79 25.11 19.89 -22.91
N LEU A 80 24.22 18.90 -23.08
CA LEU A 80 22.91 19.13 -23.67
C LEU A 80 21.85 18.44 -22.84
N ILE A 81 20.69 19.09 -22.71
CA ILE A 81 19.52 18.55 -22.03
C ILE A 81 18.35 18.77 -22.97
N VAL A 82 17.76 17.67 -23.45
CA VAL A 82 16.63 17.72 -24.37
C VAL A 82 15.37 17.45 -23.58
N ASP A 83 14.63 18.52 -23.27
CA ASP A 83 13.34 18.42 -22.59
C ASP A 83 12.29 17.92 -23.57
N THR A 84 11.70 16.77 -23.27
CA THR A 84 10.68 16.19 -24.13
C THR A 84 9.83 15.24 -23.28
N HIS A 85 8.93 14.50 -23.93
CA HIS A 85 8.08 13.54 -23.28
C HIS A 85 8.31 12.15 -23.86
N MET A 86 8.19 11.14 -23.01
CA MET A 86 8.25 9.75 -23.47
C MET A 86 6.91 9.25 -23.96
N SER A 87 5.82 9.81 -23.46
CA SER A 87 4.49 9.39 -23.86
C SER A 87 3.52 10.56 -23.71
N LEU A 88 2.44 10.51 -24.47
CA LEU A 88 1.38 11.52 -24.42
C LEU A 88 0.04 10.81 -24.43
N LYS A 89 -0.86 11.24 -23.55
CA LYS A 89 -2.20 10.67 -23.48
C LYS A 89 -3.08 11.31 -24.55
N THR A 90 -3.73 10.47 -25.35
CA THR A 90 -4.63 10.89 -26.41
C THR A 90 -5.89 10.04 -26.34
N PRO A 91 -6.94 10.42 -27.06
CA PRO A 91 -8.13 9.56 -27.11
C PRO A 91 -7.82 8.10 -27.43
N TYR A 92 -6.78 7.85 -28.24
CA TYR A 92 -6.44 6.50 -28.67
C TYR A 92 -5.50 5.79 -27.70
N GLY A 93 -5.09 6.45 -26.62
CA GLY A 93 -4.19 5.83 -25.65
C GLY A 93 -2.89 6.59 -25.51
N PHE A 94 -1.84 5.93 -25.05
CA PHE A 94 -0.53 6.55 -24.92
C PHE A 94 0.22 6.46 -26.24
N TYR A 95 0.80 7.56 -26.67
CA TYR A 95 1.59 7.61 -27.90
C TYR A 95 3.01 8.05 -27.58
N PRO A 96 4.04 7.38 -28.11
CA PRO A 96 5.41 7.74 -27.76
C PRO A 96 5.75 9.15 -28.19
N GLY A 97 6.35 9.91 -27.28
CA GLY A 97 6.83 11.24 -27.63
C GLY A 97 8.12 11.24 -28.41
N LEU A 98 8.85 10.14 -28.41
CA LEU A 98 10.10 9.99 -29.14
C LEU A 98 9.91 9.01 -30.29
N ILE A 99 10.88 9.01 -31.20
CA ILE A 99 10.97 7.99 -32.24
C ILE A 99 12.39 7.45 -32.23
N PRO A 100 12.60 6.25 -32.78
CA PRO A 100 13.95 5.68 -32.79
C PRO A 100 14.98 6.58 -33.47
N GLU A 101 14.56 7.33 -34.50
CA GLU A 101 15.48 8.26 -35.15
C GLU A 101 16.00 9.29 -34.17
N THR A 102 15.15 9.74 -33.24
CA THR A 102 15.60 10.68 -32.21
C THR A 102 16.73 10.08 -31.40
N ILE A 103 16.55 8.86 -30.90
CA ILE A 103 17.56 8.22 -30.06
C ILE A 103 18.85 8.02 -30.85
N ASN A 104 18.74 7.61 -32.11
CA ASN A 104 19.95 7.31 -32.89
C ASN A 104 20.68 8.57 -33.32
N ILE A 105 19.95 9.63 -33.66
CA ILE A 105 20.59 10.85 -34.14
C ILE A 105 21.16 11.66 -33.00
N ILE A 106 20.43 11.72 -31.88
CA ILE A 106 20.92 12.49 -30.73
C ILE A 106 21.94 11.71 -29.91
N GLN A 107 21.94 10.39 -30.01
CA GLN A 107 22.83 9.51 -29.24
C GLN A 107 22.87 9.98 -27.77
N PRO A 108 21.72 10.10 -27.12
CA PRO A 108 21.71 10.60 -25.74
C PRO A 108 22.49 9.67 -24.82
N ASP A 109 23.31 10.28 -23.95
CA ASP A 109 24.02 9.48 -22.96
C ASP A 109 23.05 8.85 -21.97
N GLY A 110 21.92 9.48 -21.71
CA GLY A 110 20.93 8.86 -20.82
C GLY A 110 19.57 9.51 -20.91
N ILE A 111 18.62 8.86 -20.25
CA ILE A 111 17.27 9.39 -20.07
C ILE A 111 17.09 9.68 -18.59
N ILE A 112 16.33 10.74 -18.30
CA ILE A 112 16.03 11.16 -16.93
C ILE A 112 14.53 11.32 -16.82
N LEU A 113 13.95 10.74 -15.76
CA LEU A 113 12.51 10.82 -15.53
C LEU A 113 12.27 11.48 -14.18
N LEU A 114 11.59 12.62 -14.20
CA LEU A 114 11.12 13.24 -12.96
C LEU A 114 9.80 12.59 -12.56
N GLU A 115 9.80 11.82 -11.48
CA GLU A 115 8.59 11.14 -11.02
C GLU A 115 8.00 11.91 -9.85
N PHE A 116 6.83 12.50 -10.07
CA PHE A 116 6.16 13.34 -9.08
C PHE A 116 5.10 12.55 -8.32
N ASN A 117 4.60 13.16 -7.24
CA ASN A 117 3.42 12.66 -6.56
C ASN A 117 2.17 13.23 -7.24
N PRO A 118 1.22 12.38 -7.64
CA PRO A 118 0.11 12.89 -8.46
C PRO A 118 -0.65 14.05 -7.84
N ARG A 119 -0.74 14.12 -6.51
CA ARG A 119 -1.38 15.27 -5.88
C ARG A 119 -0.71 16.56 -6.31
N ASP A 120 0.63 16.61 -6.24
CA ASP A 120 1.35 17.81 -6.66
C ASP A 120 1.09 18.11 -8.13
N VAL A 121 1.07 17.08 -8.97
CA VAL A 121 0.80 17.27 -10.39
C VAL A 121 -0.54 17.96 -10.60
N ILE A 122 -1.58 17.43 -9.96
CA ILE A 122 -2.92 18.01 -10.14
C ILE A 122 -2.95 19.43 -9.60
N ALA A 123 -2.38 19.65 -8.42
CA ALA A 123 -2.40 20.98 -7.83
C ALA A 123 -1.70 21.99 -8.72
N ARG A 124 -0.55 21.61 -9.28
CA ARG A 124 0.19 22.54 -10.13
C ARG A 124 -0.52 22.77 -11.45
N ARG A 125 -1.12 21.73 -12.02
CA ARG A 125 -1.90 21.92 -13.23
C ARG A 125 -3.02 22.92 -13.00
N GLU A 126 -3.76 22.76 -11.92
CA GLU A 126 -4.87 23.68 -11.66
C GLU A 126 -4.38 25.08 -11.31
N LYS A 127 -3.25 25.19 -10.61
CA LYS A 127 -2.72 26.51 -10.30
C LYS A 127 -2.30 27.24 -11.56
N ASP A 128 -1.46 26.61 -12.38
CA ASP A 128 -1.06 27.22 -13.65
C ASP A 128 -2.26 27.47 -14.54
N ARG A 129 -3.35 26.73 -14.36
CA ARG A 129 -4.60 27.09 -15.03
C ARG A 129 -5.13 28.42 -14.49
N LEU A 130 -5.26 28.53 -13.18
CA LEU A 130 -5.68 29.77 -12.54
C LEU A 130 -4.81 30.93 -12.97
N ALA A 131 -3.57 30.95 -12.50
CA ALA A 131 -2.66 32.07 -12.77
C ALA A 131 -2.15 32.05 -14.20
N GLY A 132 -3.03 32.27 -15.17
CA GLY A 132 -2.61 32.40 -16.55
C GLY A 132 -3.52 31.73 -17.56
N LYS A 133 -2.92 31.08 -18.55
CA LYS A 133 -3.63 30.55 -19.71
C LYS A 133 -3.57 29.02 -19.66
N ARG A 134 -3.21 28.34 -20.75
CA ARG A 134 -3.25 26.88 -20.81
C ARG A 134 -4.67 26.39 -20.52
N VAL A 135 -5.60 26.81 -21.38
CA VAL A 135 -7.00 26.43 -21.24
C VAL A 135 -7.14 24.91 -21.16
N ASP A 138 -9.95 17.26 -20.96
CA ASP A 138 -9.78 16.05 -20.16
C ASP A 138 -8.71 16.23 -19.09
N MET A 139 -9.14 16.48 -17.85
CA MET A 139 -8.23 16.62 -16.72
C MET A 139 -8.13 15.27 -16.01
N GLU A 140 -6.90 14.88 -15.66
CA GLU A 140 -6.62 13.54 -15.17
C GLU A 140 -6.87 13.44 -13.67
N SER A 141 -6.72 12.22 -13.15
CA SER A 141 -6.85 11.91 -11.74
C SER A 141 -5.54 11.32 -11.23
N GLU A 142 -5.50 11.01 -9.94
CA GLU A 142 -4.30 10.43 -9.34
C GLU A 142 -3.90 9.13 -10.03
N THR A 143 -4.84 8.20 -10.18
CA THR A 143 -4.53 6.92 -10.80
C THR A 143 -4.08 7.11 -12.24
N ASP A 144 -4.70 8.02 -12.98
CA ASP A 144 -4.27 8.29 -14.34
C ASP A 144 -2.82 8.75 -14.38
N ILE A 145 -2.43 9.60 -13.44
CA ILE A 145 -1.07 10.13 -13.41
C ILE A 145 -0.09 9.02 -13.04
N LEU A 146 -0.46 8.16 -12.09
CA LEU A 146 0.40 7.02 -11.77
C LEU A 146 0.58 6.12 -12.99
N LEU A 147 -0.50 5.85 -13.71
CA LEU A 147 -0.41 5.04 -14.92
C LEU A 147 0.51 5.69 -15.93
N HIS A 148 0.37 6.99 -16.14
CA HIS A 148 1.24 7.70 -17.08
C HIS A 148 2.70 7.56 -16.67
N GLN A 149 3.00 7.72 -15.38
CA GLN A 149 4.39 7.64 -14.94
C GLN A 149 4.94 6.24 -15.12
N GLN A 150 4.14 5.21 -14.84
CA GLN A 150 4.62 3.85 -15.03
C GLN A 150 4.85 3.55 -16.51
N VAL A 151 3.96 4.02 -17.38
CA VAL A 151 4.15 3.82 -18.81
C VAL A 151 5.41 4.52 -19.28
N ASN A 152 5.69 5.71 -18.74
CA ASN A 152 6.92 6.41 -19.11
C ASN A 152 8.15 5.65 -18.64
N ARG A 153 8.09 5.10 -17.42
CA ARG A 153 9.19 4.27 -16.93
C ARG A 153 9.44 3.10 -17.87
N MET A 154 8.36 2.47 -18.34
CA MET A 154 8.51 1.34 -19.26
C MET A 154 9.10 1.78 -20.60
N PHE A 155 8.62 2.91 -21.13
CA PHE A 155 9.21 3.44 -22.37
C PHE A 155 10.70 3.68 -22.21
N ALA A 156 11.10 4.27 -21.08
CA ALA A 156 12.50 4.57 -20.87
C ALA A 156 13.33 3.29 -20.80
N VAL A 157 12.87 2.30 -20.02
CA VAL A 157 13.62 1.05 -19.93
C VAL A 157 13.69 0.39 -21.31
N SER A 158 12.65 0.54 -22.12
CA SER A 158 12.67 -0.06 -23.46
C SER A 158 13.72 0.60 -24.34
N TYR A 159 13.72 1.93 -24.39
CA TYR A 159 14.73 2.63 -25.18
C TYR A 159 16.13 2.29 -24.69
N SER A 160 16.30 2.11 -23.38
CA SER A 160 17.61 1.76 -22.85
C SER A 160 18.01 0.36 -23.28
N ALA A 161 17.10 -0.61 -23.17
CA ALA A 161 17.42 -1.97 -23.57
C ALA A 161 17.70 -2.05 -25.06
N ILE A 162 17.11 -1.17 -25.86
CA ILE A 162 17.29 -1.23 -27.31
C ILE A 162 18.55 -0.49 -27.74
N ASN A 163 18.89 0.63 -27.11
CA ASN A 163 20.02 1.45 -27.53
C ASN A 163 21.12 1.53 -26.47
N GLN A 164 20.93 0.91 -25.30
CA GLN A 164 21.97 0.87 -24.27
C GLN A 164 22.31 2.28 -23.79
N CYS A 165 21.43 2.88 -22.99
CA CYS A 165 21.67 4.17 -22.38
C CYS A 165 21.20 4.11 -20.93
N TYR A 166 21.57 5.11 -20.15
CA TYR A 166 21.21 5.14 -18.74
C TYR A 166 19.73 5.49 -18.57
N VAL A 167 19.16 5.07 -17.45
CA VAL A 167 17.77 5.36 -17.09
C VAL A 167 17.79 5.88 -15.65
N LYS A 168 17.90 7.19 -15.50
CA LYS A 168 17.89 7.84 -14.20
C LYS A 168 16.45 8.19 -13.82
N ILE A 169 16.07 7.87 -12.60
CA ILE A 169 14.74 8.18 -12.07
C ILE A 169 14.93 9.09 -10.87
N ILE A 170 14.57 10.36 -11.03
CA ILE A 170 14.66 11.33 -9.94
C ILE A 170 13.30 11.38 -9.25
N ASP A 171 13.30 11.01 -7.97
CA ASP A 171 12.08 10.86 -7.18
C ASP A 171 11.74 12.19 -6.52
N LEU A 172 10.69 12.85 -7.02
CA LEU A 172 10.14 14.06 -6.41
C LEU A 172 8.77 13.77 -5.81
N THR A 173 8.61 12.58 -5.22
CA THR A 173 7.35 12.18 -4.61
C THR A 173 7.22 12.64 -3.16
N TRP A 174 8.35 12.76 -2.45
CA TRP A 174 8.33 13.22 -1.07
C TRP A 174 7.70 14.61 -0.98
N PRO A 175 7.16 14.97 0.18
CA PRO A 175 6.45 16.24 0.31
C PRO A 175 7.39 17.43 0.47
N GLN A 176 7.05 18.53 -0.21
CA GLN A 176 7.86 19.73 -0.14
C GLN A 176 7.63 20.45 1.17
N GLU A 177 8.73 20.76 1.87
CA GLU A 177 8.65 21.58 3.07
C GLU A 177 8.53 23.07 2.73
N TYR A 178 9.13 23.50 1.63
CA TYR A 178 9.01 24.86 1.16
C TYR A 178 8.81 24.84 -0.35
N GLU A 179 8.22 25.92 -0.86
CA GLU A 179 7.83 25.96 -2.27
C GLU A 179 9.05 25.82 -3.17
N PHE A 180 8.87 25.09 -4.27
CA PHE A 180 9.89 24.86 -5.29
C PHE A 180 11.07 24.06 -4.76
N GLN A 181 10.86 23.28 -3.69
CA GLN A 181 11.94 22.42 -3.19
C GLN A 181 12.22 21.29 -4.17
N HIS A 182 11.19 20.72 -4.77
CA HIS A 182 11.40 19.69 -5.78
C HIS A 182 12.26 20.21 -6.92
N THR A 183 12.05 21.45 -7.33
CA THR A 183 12.83 22.03 -8.42
C THR A 183 14.31 22.14 -8.02
N GLU A 184 14.57 22.69 -6.84
CA GLU A 184 15.95 22.76 -6.35
C GLU A 184 16.58 21.38 -6.32
N TYR A 185 15.84 20.39 -5.82
CA TYR A 185 16.39 19.04 -5.69
C TYR A 185 16.73 18.46 -7.05
N ALA A 186 15.81 18.57 -8.00
CA ALA A 186 16.07 18.03 -9.33
C ALA A 186 17.23 18.72 -10.01
N VAL A 187 17.31 20.05 -9.90
CA VAL A 187 18.41 20.78 -10.51
C VAL A 187 19.73 20.35 -9.89
N ASN A 188 19.77 20.26 -8.56
CA ASN A 188 21.01 19.88 -7.88
C ASN A 188 21.43 18.48 -8.28
N LYS A 189 20.49 17.54 -8.38
CA LYS A 189 20.87 16.18 -8.73
C LYS A 189 21.35 16.08 -10.17
N ILE A 190 20.67 16.77 -11.09
CA ILE A 190 21.11 16.74 -12.48
C ILE A 190 22.50 17.38 -12.61
N ILE A 191 22.75 18.43 -11.85
CA ILE A 191 24.06 19.09 -11.91
C ILE A 191 25.14 18.17 -11.33
N GLU A 192 24.86 17.59 -10.16
CA GLU A 192 25.80 16.64 -9.57
C GLU A 192 26.12 15.52 -10.55
N MET A 193 25.12 15.07 -11.31
CA MET A 193 25.34 14.00 -12.27
C MET A 193 26.19 14.49 -13.44
N LEU A 194 25.94 15.70 -13.94
CA LEU A 194 26.70 16.20 -15.07
C LEU A 194 28.18 16.40 -14.72
N ASN A 195 28.45 16.96 -13.54
CA ASN A 195 29.81 17.26 -13.12
C ASN A 195 30.51 16.07 -12.47
N PHE A 196 29.89 14.89 -12.48
CA PHE A 196 30.50 13.73 -11.83
C PHE A 196 31.80 13.36 -12.52
N LYS A 197 32.83 13.08 -11.71
CA LYS A 197 34.13 12.71 -12.22
C LYS A 197 34.56 11.35 -11.66
N MET B 1 18.14 -27.12 -22.07
CA MET B 1 17.54 -25.79 -22.35
C MET B 1 18.50 -24.68 -21.95
N ARG B 2 18.14 -23.44 -22.26
CA ARG B 2 19.01 -22.29 -22.02
C ARG B 2 18.23 -21.18 -21.33
N PHE B 3 18.72 -20.77 -20.16
CA PHE B 3 18.11 -19.70 -19.39
C PHE B 3 19.18 -18.76 -18.88
N ILE B 4 18.90 -17.49 -18.95
CA ILE B 4 19.70 -16.48 -18.25
C ILE B 4 19.14 -16.38 -16.84
N LEU B 5 20.01 -16.10 -15.87
CA LEU B 5 19.61 -16.02 -14.47
C LEU B 5 20.10 -14.68 -13.93
N THR B 6 19.19 -13.89 -13.37
CA THR B 6 19.51 -12.53 -12.96
C THR B 6 18.80 -12.17 -11.67
N GLY B 7 19.23 -11.06 -11.09
CA GLY B 7 18.72 -10.56 -9.83
C GLY B 7 19.62 -9.46 -9.30
N VAL B 8 19.12 -8.66 -8.36
CA VAL B 8 19.92 -7.58 -7.78
C VAL B 8 21.16 -8.19 -7.12
N PRO B 9 22.28 -7.48 -7.08
CA PRO B 9 23.51 -8.10 -6.57
C PRO B 9 23.51 -8.23 -5.06
N GLY B 10 24.28 -9.22 -4.59
CA GLY B 10 24.50 -9.41 -3.17
C GLY B 10 23.35 -10.03 -2.41
N ALA B 11 22.37 -10.62 -3.11
CA ALA B 11 21.19 -11.18 -2.46
C ALA B 11 21.23 -12.70 -2.34
N GLY B 12 22.21 -13.37 -2.95
CA GLY B 12 22.32 -14.80 -2.86
C GLY B 12 22.19 -15.51 -4.18
N LYS B 13 22.38 -14.78 -5.28
CA LYS B 13 22.27 -15.39 -6.60
C LYS B 13 23.42 -16.37 -6.84
N THR B 14 24.62 -16.02 -6.39
CA THR B 14 25.77 -16.91 -6.57
C THR B 14 25.56 -18.22 -5.84
N THR B 15 24.94 -18.17 -4.66
CA THR B 15 24.66 -19.41 -3.93
C THR B 15 23.68 -20.27 -4.71
N VAL B 16 22.67 -19.66 -5.32
CA VAL B 16 21.74 -20.41 -6.17
C VAL B 16 22.50 -21.06 -7.31
N CYS B 17 23.39 -20.32 -7.95
CA CYS B 17 24.14 -20.84 -9.09
C CYS B 17 25.01 -22.03 -8.67
N ASN B 18 25.71 -21.90 -7.55
CA ASN B 18 26.62 -22.97 -7.13
C ASN B 18 25.86 -24.18 -6.64
N LYS B 19 24.73 -23.98 -5.97
CA LYS B 19 23.92 -25.12 -5.54
C LYS B 19 23.20 -25.77 -6.71
N LEU B 20 22.99 -25.04 -7.80
CA LEU B 20 22.51 -25.66 -9.04
C LEU B 20 23.61 -26.51 -9.66
N ALA B 21 24.78 -25.93 -9.88
CA ALA B 21 25.91 -26.70 -10.39
C ALA B 21 26.22 -27.90 -9.51
N GLU B 22 25.84 -27.85 -8.23
CA GLU B 22 26.10 -28.96 -7.31
C GLU B 22 25.03 -30.05 -7.37
N LYS B 23 23.77 -29.68 -7.62
CA LYS B 23 22.65 -30.62 -7.56
C LYS B 23 22.12 -30.98 -8.94
N MET B 24 22.97 -30.99 -9.97
CA MET B 24 22.58 -31.51 -11.27
C MET B 24 23.84 -31.71 -12.11
N SER B 25 23.94 -32.89 -12.73
CA SER B 25 25.10 -33.20 -13.54
C SER B 25 24.97 -32.64 -14.95
N ASN B 26 23.84 -32.92 -15.62
CA ASN B 26 23.60 -32.42 -16.97
C ASN B 26 23.23 -30.94 -16.90
N LEU B 27 24.23 -30.13 -16.55
CA LEU B 27 24.02 -28.70 -16.38
C LEU B 27 25.37 -27.99 -16.46
N SER B 28 25.34 -26.78 -16.99
CA SER B 28 26.52 -25.91 -17.04
C SER B 28 26.10 -24.52 -16.57
N VAL B 29 26.69 -24.07 -15.47
CA VAL B 29 26.41 -22.75 -14.91
C VAL B 29 27.64 -21.88 -15.12
N VAL B 30 27.50 -20.83 -15.93
CA VAL B 30 28.60 -19.95 -16.28
C VAL B 30 28.24 -18.52 -15.93
N ASN B 31 29.25 -17.74 -15.59
CA ASN B 31 29.08 -16.33 -15.25
C ASN B 31 29.56 -15.49 -16.42
N TYR B 32 28.65 -14.70 -17.01
CA TYR B 32 29.01 -13.88 -18.15
C TYR B 32 30.20 -12.99 -17.85
N GLY B 33 30.26 -12.45 -16.63
CA GLY B 33 31.37 -11.58 -16.28
C GLY B 33 32.70 -12.30 -16.27
N ASP B 34 32.71 -13.55 -15.79
CA ASP B 34 33.96 -14.32 -15.77
C ASP B 34 34.47 -14.57 -17.19
N VAL B 35 33.58 -14.96 -18.10
CA VAL B 35 33.99 -15.21 -19.47
C VAL B 35 34.44 -13.92 -20.14
N ILE B 36 33.75 -12.82 -19.85
CA ILE B 36 34.16 -11.52 -20.39
C ILE B 36 35.57 -11.18 -19.92
N PHE B 37 35.83 -11.36 -18.62
CA PHE B 37 37.16 -11.06 -18.08
C PHE B 37 38.22 -11.96 -18.70
N GLU B 38 37.91 -13.24 -18.90
CA GLU B 38 38.86 -14.15 -19.51
C GLU B 38 39.21 -13.73 -20.93
N GLU B 39 38.18 -13.49 -21.75
CA GLU B 39 38.43 -13.06 -23.12
C GLU B 39 39.18 -11.75 -23.16
N ALA B 40 38.89 -10.85 -22.23
CA ALA B 40 39.59 -9.57 -22.18
C ALA B 40 41.07 -9.77 -21.88
N LYS B 41 41.39 -10.54 -20.84
CA LYS B 41 42.79 -10.79 -20.53
C LYS B 41 43.50 -11.48 -21.69
N LYS B 42 42.79 -12.33 -22.44
CA LYS B 42 43.44 -13.04 -23.53
C LYS B 42 43.69 -12.13 -24.73
N LEU B 43 42.79 -11.19 -24.99
CA LEU B 43 42.97 -10.29 -26.12
C LEU B 43 43.75 -9.03 -25.73
N TYR B 44 43.50 -8.49 -24.54
CA TYR B 44 44.15 -7.26 -24.09
C TYR B 44 44.85 -7.50 -22.75
N PRO B 45 45.83 -8.41 -22.72
CA PRO B 45 46.51 -8.70 -21.44
C PRO B 45 47.28 -7.51 -20.90
N SER B 46 47.80 -6.65 -21.77
CA SER B 46 48.58 -5.50 -21.35
C SER B 46 47.77 -4.49 -20.55
N ILE B 47 46.46 -4.65 -20.46
CA ILE B 47 45.59 -3.65 -19.85
C ILE B 47 44.75 -4.27 -18.73
N ILE B 48 44.41 -5.54 -18.88
CA ILE B 48 43.43 -6.20 -18.02
C ILE B 48 44.15 -7.12 -17.04
N GLN B 49 43.62 -7.18 -15.82
CA GLN B 49 44.14 -8.09 -14.81
C GLN B 49 43.07 -8.48 -13.80
N VAL B 50 42.14 -7.56 -13.52
CA VAL B 50 41.06 -7.81 -12.58
C VAL B 50 39.75 -7.32 -13.20
N ARG B 51 38.64 -7.77 -12.63
CA ARG B 51 37.33 -7.31 -13.09
C ARG B 51 37.28 -5.80 -13.13
N GLU B 52 37.87 -5.13 -12.12
CA GLU B 52 37.84 -3.67 -12.07
C GLU B 52 38.44 -3.06 -13.32
N ASP B 53 39.39 -3.74 -13.97
CA ASP B 53 40.06 -3.21 -15.15
C ASP B 53 39.19 -3.26 -16.40
N THR B 54 38.07 -3.99 -16.38
CA THR B 54 37.25 -4.08 -17.59
C THR B 54 36.55 -2.78 -17.94
N ARG B 55 36.69 -1.72 -17.13
CA ARG B 55 36.04 -0.45 -17.43
C ARG B 55 36.85 0.39 -18.41
N LYS B 56 38.17 0.23 -18.41
CA LYS B 56 39.06 1.12 -19.15
C LYS B 56 39.05 0.90 -20.66
N LEU B 57 38.41 -0.16 -21.14
CA LEU B 57 38.32 -0.38 -22.57
C LEU B 57 37.24 0.52 -23.17
N PRO B 58 37.42 0.96 -24.41
CA PRO B 58 36.35 1.70 -25.08
C PRO B 58 35.14 0.82 -25.34
N ARG B 59 33.99 1.47 -25.56
CA ARG B 59 32.74 0.72 -25.68
C ARG B 59 32.77 -0.25 -26.86
N ALA B 60 33.52 0.07 -27.91
CA ALA B 60 33.62 -0.85 -29.04
C ALA B 60 34.36 -2.13 -28.67
N ASP B 61 35.51 -1.98 -28.00
CA ASP B 61 36.25 -3.16 -27.57
C ASP B 61 35.46 -3.97 -26.55
N TYR B 62 34.76 -3.28 -25.63
CA TYR B 62 33.94 -4.00 -24.65
C TYR B 62 32.78 -4.73 -25.32
N ARG B 63 32.19 -4.12 -26.34
CA ARG B 63 31.13 -4.80 -27.10
C ARG B 63 31.68 -6.03 -27.79
N ASN B 64 32.84 -5.93 -28.42
CA ASN B 64 33.42 -7.08 -29.10
C ASN B 64 33.75 -8.18 -28.10
N ILE B 65 34.23 -7.80 -26.91
CA ILE B 65 34.53 -8.79 -25.88
C ILE B 65 33.26 -9.50 -25.43
N GLN B 66 32.18 -8.74 -25.20
CA GLN B 66 30.90 -9.36 -24.86
C GLN B 66 30.44 -10.30 -25.97
N ILE B 67 30.62 -9.90 -27.23
CA ILE B 67 30.20 -10.74 -28.35
C ILE B 67 30.97 -12.05 -28.35
N GLU B 68 32.29 -11.98 -28.17
CA GLU B 68 33.10 -13.19 -28.22
C GLU B 68 32.80 -14.09 -27.02
N ALA B 69 32.54 -13.49 -25.86
CA ALA B 69 32.16 -14.28 -24.70
C ALA B 69 30.83 -14.99 -24.96
N ALA B 70 29.86 -14.27 -25.52
CA ALA B 70 28.59 -14.90 -25.85
C ALA B 70 28.78 -16.05 -26.84
N LYS B 71 29.71 -15.90 -27.78
CA LYS B 71 30.00 -16.97 -28.73
C LYS B 71 30.53 -18.21 -28.00
N LYS B 72 31.63 -18.02 -27.24
CA LYS B 72 32.21 -19.15 -26.53
C LYS B 72 31.18 -19.83 -25.64
N ILE B 73 30.29 -19.05 -25.04
CA ILE B 73 29.20 -19.64 -24.27
C ILE B 73 28.23 -20.36 -25.20
N SER B 74 28.09 -19.87 -26.44
CA SER B 74 27.18 -20.50 -27.39
C SER B 74 27.61 -21.92 -27.70
N LEU B 75 28.91 -22.18 -27.68
CA LEU B 75 29.37 -23.56 -27.97
C LEU B 75 29.23 -24.50 -26.77
N ILE B 76 28.18 -24.37 -25.96
CA ILE B 76 27.89 -25.29 -24.87
C ILE B 76 26.63 -26.07 -25.24
N THR B 77 26.68 -27.38 -25.07
CA THR B 77 25.64 -28.28 -25.55
C THR B 77 24.61 -28.66 -24.49
N ASP B 78 25.04 -28.90 -23.25
CA ASP B 78 24.13 -29.36 -22.22
C ASP B 78 23.17 -28.24 -21.81
N ASN B 79 22.35 -28.54 -20.80
CA ASN B 79 21.50 -27.51 -20.22
C ASN B 79 22.36 -26.38 -19.66
N LEU B 80 22.09 -25.16 -20.11
CA LEU B 80 22.92 -24.01 -19.80
C LEU B 80 22.14 -23.02 -18.95
N ILE B 81 22.82 -22.40 -17.99
CA ILE B 81 22.29 -21.28 -17.23
C ILE B 81 23.37 -20.19 -17.23
N VAL B 82 23.02 -19.02 -17.72
CA VAL B 82 23.95 -17.90 -17.85
C VAL B 82 23.63 -16.91 -16.73
N ASP B 83 24.51 -16.85 -15.73
CA ASP B 83 24.33 -15.92 -14.63
C ASP B 83 24.84 -14.54 -15.01
N THR B 84 24.05 -13.51 -14.76
CA THR B 84 24.41 -12.15 -15.11
C THR B 84 23.44 -11.19 -14.44
N HIS B 85 23.59 -9.90 -14.74
CA HIS B 85 22.72 -8.85 -14.22
C HIS B 85 22.09 -8.11 -15.40
N MET B 86 20.79 -7.86 -15.31
CA MET B 86 20.11 -7.12 -16.38
C MET B 86 20.42 -5.64 -16.31
N SER B 87 20.51 -5.09 -15.11
CA SER B 87 20.79 -3.67 -14.93
C SER B 87 21.64 -3.48 -13.68
N LEU B 88 22.50 -2.48 -13.72
CA LEU B 88 23.31 -2.10 -12.57
C LEU B 88 23.24 -0.59 -12.37
N LYS B 89 23.23 -0.18 -11.10
CA LYS B 89 23.02 1.21 -10.75
C LYS B 89 24.33 1.98 -10.81
N THR B 90 24.26 3.23 -11.26
CA THR B 90 25.42 4.08 -11.45
C THR B 90 25.00 5.51 -11.14
N PRO B 91 25.98 6.42 -10.99
CA PRO B 91 25.61 7.83 -10.76
C PRO B 91 24.82 8.45 -11.90
N TYR B 92 24.70 7.77 -13.03
CA TYR B 92 23.91 8.23 -14.16
C TYR B 92 22.58 7.51 -14.29
N GLY B 93 22.29 6.53 -13.43
CA GLY B 93 21.07 5.77 -13.54
C GLY B 93 21.31 4.28 -13.71
N PHE B 94 20.35 3.57 -14.28
CA PHE B 94 20.51 2.14 -14.52
C PHE B 94 21.15 1.90 -15.87
N TYR B 95 22.16 1.04 -15.91
CA TYR B 95 22.83 0.68 -17.15
C TYR B 95 22.61 -0.80 -17.43
N PRO B 96 22.24 -1.18 -18.65
CA PRO B 96 21.99 -2.60 -18.95
C PRO B 96 23.28 -3.41 -18.89
N GLY B 97 23.22 -4.55 -18.21
CA GLY B 97 24.35 -5.46 -18.16
C GLY B 97 24.47 -6.39 -19.33
N LEU B 98 23.50 -6.38 -20.25
CA LEU B 98 23.52 -7.23 -21.43
C LEU B 98 23.48 -6.37 -22.68
N ILE B 99 23.53 -7.04 -23.84
CA ILE B 99 23.31 -6.40 -25.13
C ILE B 99 22.52 -7.35 -26.01
N PRO B 100 21.72 -6.79 -26.93
CA PRO B 100 20.85 -7.65 -27.76
C PRO B 100 21.61 -8.77 -28.44
N GLU B 101 22.86 -8.52 -28.83
CA GLU B 101 23.65 -9.55 -29.48
C GLU B 101 23.90 -10.72 -28.53
N THR B 102 24.10 -10.43 -27.24
CA THR B 102 24.26 -11.49 -26.26
C THR B 102 23.11 -12.48 -26.34
N ILE B 103 21.88 -11.96 -26.37
CA ILE B 103 20.71 -12.84 -26.35
C ILE B 103 20.54 -13.54 -27.70
N ASN B 104 20.74 -12.81 -28.80
CA ASN B 104 20.53 -13.45 -30.11
C ASN B 104 21.67 -14.38 -30.50
N ILE B 105 22.78 -14.39 -29.76
CA ILE B 105 23.84 -15.38 -29.96
C ILE B 105 23.58 -16.56 -29.03
N ILE B 106 23.52 -16.29 -27.72
CA ILE B 106 23.24 -17.35 -26.77
C ILE B 106 21.88 -17.98 -27.06
N GLN B 107 20.97 -17.22 -27.64
CA GLN B 107 19.62 -17.66 -27.99
C GLN B 107 19.02 -18.47 -26.82
N PRO B 108 18.98 -17.90 -25.62
CA PRO B 108 18.44 -18.65 -24.49
C PRO B 108 16.95 -18.89 -24.62
N ASP B 109 16.48 -19.95 -23.95
CA ASP B 109 15.05 -20.22 -23.94
C ASP B 109 14.30 -19.25 -23.04
N GLY B 110 14.91 -18.81 -21.94
CA GLY B 110 14.20 -17.92 -21.04
C GLY B 110 15.11 -17.04 -20.22
N ILE B 111 14.48 -16.11 -19.50
CA ILE B 111 15.14 -15.22 -18.55
C ILE B 111 14.46 -15.42 -17.20
N ILE B 112 15.24 -15.75 -16.18
CA ILE B 112 14.76 -16.01 -14.84
C ILE B 112 15.21 -14.86 -13.95
N LEU B 113 14.26 -14.28 -13.21
CA LEU B 113 14.52 -13.16 -12.32
C LEU B 113 14.25 -13.59 -10.89
N LEU B 114 15.28 -13.59 -10.06
CA LEU B 114 15.14 -13.88 -8.64
C LEU B 114 14.77 -12.60 -7.92
N GLU B 115 13.53 -12.51 -7.45
CA GLU B 115 13.03 -11.30 -6.78
C GLU B 115 12.97 -11.56 -5.28
N PHE B 116 13.88 -10.94 -4.52
CA PHE B 116 13.96 -11.10 -3.08
C PHE B 116 13.20 -9.97 -2.38
N ASN B 117 13.16 -10.04 -1.06
CA ASN B 117 12.61 -8.96 -0.24
C ASN B 117 13.68 -7.91 0.02
N PRO B 118 13.38 -6.62 -0.14
CA PRO B 118 14.44 -5.61 0.03
C PRO B 118 15.14 -5.68 1.38
N ARG B 119 14.39 -5.91 2.45
CA ARG B 119 15.00 -6.01 3.78
C ARG B 119 16.03 -7.12 3.81
N ASP B 120 15.69 -8.29 3.24
CA ASP B 120 16.63 -9.39 3.17
C ASP B 120 17.87 -9.01 2.37
N VAL B 121 17.68 -8.27 1.27
CA VAL B 121 18.82 -7.85 0.47
C VAL B 121 19.76 -6.98 1.29
N ILE B 122 19.19 -6.01 2.01
CA ILE B 122 20.02 -5.15 2.86
C ILE B 122 20.76 -5.98 3.90
N ALA B 123 20.07 -6.93 4.52
CA ALA B 123 20.70 -7.76 5.55
C ALA B 123 21.87 -8.55 4.97
N ARG B 124 21.64 -9.22 3.85
CA ARG B 124 22.71 -10.02 3.23
C ARG B 124 23.88 -9.12 2.83
N ARG B 125 23.59 -7.96 2.24
CA ARG B 125 24.67 -7.07 1.83
C ARG B 125 25.49 -6.62 3.03
N GLU B 126 24.84 -6.25 4.12
CA GLU B 126 25.57 -5.80 5.30
C GLU B 126 26.41 -6.93 5.89
N LYS B 127 25.83 -8.13 6.00
CA LYS B 127 26.59 -9.28 6.48
C LYS B 127 27.84 -9.48 5.64
N ASP B 128 27.66 -9.62 4.32
CA ASP B 128 28.80 -9.89 3.45
C ASP B 128 29.80 -8.75 3.48
N ARG B 129 29.34 -7.53 3.73
CA ARG B 129 30.26 -6.39 3.81
C ARG B 129 31.13 -6.49 5.05
N LEU B 130 30.54 -6.84 6.20
CA LEU B 130 31.35 -7.01 7.40
C LEU B 130 32.41 -8.08 7.21
N ALA B 131 32.28 -8.92 6.19
CA ALA B 131 33.31 -9.90 5.85
C ALA B 131 34.33 -9.29 4.90
N ASP B 138 28.23 1.21 -0.87
CA ASP B 138 26.85 0.89 -1.16
C ASP B 138 26.01 0.84 0.11
N MET B 139 24.83 1.46 0.06
CA MET B 139 23.90 1.42 1.18
C MET B 139 22.52 1.81 0.70
N GLU B 140 21.88 0.93 -0.06
CA GLU B 140 20.58 1.22 -0.66
C GLU B 140 19.47 1.05 0.39
N SER B 141 18.28 1.52 0.02
CA SER B 141 17.09 1.43 0.85
C SER B 141 16.12 0.42 0.24
N GLU B 142 15.01 0.20 0.94
CA GLU B 142 13.99 -0.73 0.45
C GLU B 142 13.43 -0.26 -0.88
N THR B 143 13.11 1.03 -1.00
CA THR B 143 12.55 1.56 -2.24
C THR B 143 13.56 1.46 -3.38
N ASP B 144 14.85 1.72 -3.10
CA ASP B 144 15.86 1.60 -4.13
C ASP B 144 15.88 0.20 -4.72
N ILE B 145 15.86 -0.82 -3.84
CA ILE B 145 15.95 -2.20 -4.30
C ILE B 145 14.68 -2.62 -5.02
N LEU B 146 13.52 -2.17 -4.52
CA LEU B 146 12.27 -2.48 -5.21
C LEU B 146 12.25 -1.87 -6.60
N LEU B 147 12.68 -0.61 -6.71
CA LEU B 147 12.77 0.04 -8.02
C LEU B 147 13.73 -0.72 -8.93
N HIS B 148 14.88 -1.14 -8.38
CA HIS B 148 15.83 -1.90 -9.19
C HIS B 148 15.21 -3.18 -9.72
N GLN B 149 14.45 -3.88 -8.89
CA GLN B 149 13.83 -5.12 -9.35
C GLN B 149 12.76 -4.86 -10.39
N GLN B 150 12.00 -3.77 -10.25
CA GLN B 150 11.00 -3.45 -11.26
C GLN B 150 11.66 -3.07 -12.59
N VAL B 151 12.77 -2.35 -12.52
CA VAL B 151 13.52 -2.01 -13.73
C VAL B 151 14.06 -3.27 -14.39
N ASN B 152 14.50 -4.24 -13.58
CA ASN B 152 14.96 -5.51 -14.15
C ASN B 152 13.81 -6.26 -14.81
N ARG B 153 12.63 -6.24 -14.19
CA ARG B 153 11.44 -6.77 -14.84
C ARG B 153 11.24 -6.15 -16.21
N MET B 154 11.31 -4.83 -16.29
CA MET B 154 11.08 -4.15 -17.55
C MET B 154 12.14 -4.52 -18.58
N PHE B 155 13.41 -4.59 -18.16
CA PHE B 155 14.48 -5.00 -19.08
C PHE B 155 14.22 -6.40 -19.62
N ALA B 156 13.87 -7.34 -18.73
CA ALA B 156 13.62 -8.70 -19.17
C ALA B 156 12.46 -8.76 -20.14
N VAL B 157 11.38 -8.02 -19.86
CA VAL B 157 10.23 -8.05 -20.75
C VAL B 157 10.58 -7.45 -22.10
N SER B 158 11.41 -6.40 -22.12
CA SER B 158 11.84 -5.81 -23.38
C SER B 158 12.65 -6.81 -24.19
N TYR B 159 13.64 -7.45 -23.57
CA TYR B 159 14.42 -8.46 -24.27
C TYR B 159 13.53 -9.59 -24.78
N SER B 160 12.52 -9.97 -24.01
CA SER B 160 11.61 -11.03 -24.44
C SER B 160 10.80 -10.59 -25.65
N ALA B 161 10.21 -9.40 -25.60
CA ALA B 161 9.46 -8.90 -26.74
C ALA B 161 10.32 -8.82 -27.99
N ILE B 162 11.60 -8.48 -27.83
CA ILE B 162 12.47 -8.34 -28.99
C ILE B 162 12.88 -9.69 -29.55
N ASN B 163 13.23 -10.64 -28.69
CA ASN B 163 13.73 -11.95 -29.11
C ASN B 163 12.74 -13.08 -28.90
N GLN B 164 11.58 -12.79 -28.31
CA GLN B 164 10.58 -13.82 -28.04
C GLN B 164 11.18 -14.96 -27.22
N CYS B 165 11.28 -14.77 -25.90
CA CYS B 165 11.74 -15.80 -24.98
C CYS B 165 10.82 -15.80 -23.78
N TYR B 166 11.10 -16.71 -22.84
CA TYR B 166 10.30 -16.81 -21.63
C TYR B 166 10.77 -15.80 -20.60
N VAL B 167 9.86 -15.43 -19.70
CA VAL B 167 10.16 -14.52 -18.59
C VAL B 167 9.60 -15.16 -17.32
N LYS B 168 10.45 -15.86 -16.58
CA LYS B 168 10.08 -16.49 -15.33
C LYS B 168 10.50 -15.60 -14.17
N ILE B 169 9.59 -15.38 -13.22
CA ILE B 169 9.84 -14.52 -12.07
C ILE B 169 9.72 -15.41 -10.82
N ILE B 170 10.84 -15.70 -10.20
CA ILE B 170 10.87 -16.55 -9.00
C ILE B 170 10.82 -15.65 -7.77
N ASP B 171 9.76 -15.81 -6.99
CA ASP B 171 9.48 -14.97 -5.83
C ASP B 171 10.12 -15.58 -4.59
N LEU B 172 11.12 -14.90 -4.04
CA LEU B 172 11.77 -15.29 -2.79
C LEU B 172 11.57 -14.20 -1.74
N THR B 173 10.42 -13.53 -1.78
CA THR B 173 10.13 -12.42 -0.89
C THR B 173 9.42 -12.86 0.39
N TRP B 174 9.41 -14.16 0.69
CA TRP B 174 8.75 -14.65 1.89
C TRP B 174 9.79 -14.96 2.97
N PRO B 175 9.40 -14.90 4.25
CA PRO B 175 10.37 -15.09 5.33
C PRO B 175 10.87 -16.52 5.38
N GLN B 176 12.18 -16.68 5.51
CA GLN B 176 12.79 -18.00 5.55
C GLN B 176 12.46 -18.70 6.87
N GLU B 177 12.09 -19.98 6.76
CA GLU B 177 11.91 -20.79 7.96
C GLU B 177 13.25 -21.23 8.53
N TYR B 178 14.20 -21.55 7.66
CA TYR B 178 15.58 -21.81 8.05
C TYR B 178 16.49 -21.13 7.03
N GLU B 179 17.66 -20.69 7.50
CA GLU B 179 18.58 -19.97 6.64
C GLU B 179 18.92 -20.82 5.41
N PHE B 180 19.14 -20.13 4.29
CA PHE B 180 19.43 -20.74 2.99
C PHE B 180 18.23 -21.44 2.38
N GLN B 181 17.02 -21.17 2.86
CA GLN B 181 15.85 -21.82 2.28
C GLN B 181 15.47 -21.19 0.94
N HIS B 182 15.61 -19.87 0.82
CA HIS B 182 15.40 -19.23 -0.48
C HIS B 182 16.24 -19.90 -1.56
N THR B 183 17.49 -20.22 -1.22
CA THR B 183 18.38 -20.86 -2.19
C THR B 183 17.80 -22.20 -2.64
N GLU B 184 17.36 -23.02 -1.69
CA GLU B 184 16.84 -24.33 -2.05
C GLU B 184 15.55 -24.21 -2.86
N TYR B 185 14.67 -23.29 -2.48
CA TYR B 185 13.44 -23.09 -3.25
C TYR B 185 13.75 -22.70 -4.69
N ALA B 186 14.65 -21.73 -4.87
CA ALA B 186 15.02 -21.29 -6.20
C ALA B 186 15.62 -22.44 -7.01
N VAL B 187 16.56 -23.18 -6.41
CA VAL B 187 17.23 -24.25 -7.14
C VAL B 187 16.25 -25.36 -7.50
N ASN B 188 15.36 -25.71 -6.57
CA ASN B 188 14.40 -26.77 -6.83
C ASN B 188 13.43 -26.38 -7.93
N LYS B 189 12.93 -25.15 -7.91
CA LYS B 189 12.04 -24.72 -8.99
C LYS B 189 12.77 -24.62 -10.32
N ILE B 190 14.04 -24.21 -10.30
CA ILE B 190 14.81 -24.13 -11.54
C ILE B 190 15.00 -25.52 -12.15
N ILE B 191 15.33 -26.51 -11.31
CA ILE B 191 15.51 -27.85 -11.86
C ILE B 191 14.17 -28.45 -12.28
N GLU B 192 13.09 -28.15 -11.54
CA GLU B 192 11.76 -28.52 -11.99
C GLU B 192 11.48 -28.00 -13.39
N MET B 193 11.86 -26.74 -13.64
CA MET B 193 11.76 -26.19 -14.98
C MET B 193 12.62 -26.98 -15.97
N LEU B 194 13.86 -27.28 -15.58
CA LEU B 194 14.79 -27.96 -16.48
C LEU B 194 14.37 -29.40 -16.79
N ASN B 195 13.57 -30.02 -15.93
CA ASN B 195 13.12 -31.40 -16.10
C ASN B 195 11.59 -31.39 -16.25
N PHE B 196 11.13 -31.08 -17.46
CA PHE B 196 9.70 -31.05 -17.74
C PHE B 196 9.45 -30.92 -19.24
N MET C 1 -8.41 2.03 -39.01
CA MET C 1 -8.25 1.87 -37.55
C MET C 1 -8.26 0.40 -37.17
N ARG C 2 -7.06 -0.20 -37.13
CA ARG C 2 -6.90 -1.61 -36.82
C ARG C 2 -6.22 -1.71 -35.46
N PHE C 3 -6.87 -2.40 -34.51
CA PHE C 3 -6.39 -2.42 -33.13
C PHE C 3 -6.22 -3.84 -32.65
N ILE C 4 -5.25 -4.04 -31.75
CA ILE C 4 -4.96 -5.34 -31.16
C ILE C 4 -5.53 -5.34 -29.75
N LEU C 5 -6.58 -6.11 -29.52
CA LEU C 5 -7.23 -6.15 -28.21
C LEU C 5 -6.67 -7.31 -27.39
N THR C 6 -6.31 -7.03 -26.14
CA THR C 6 -5.63 -8.01 -25.31
C THR C 6 -6.09 -7.88 -23.86
N GLY C 7 -5.75 -8.90 -23.08
CA GLY C 7 -6.08 -8.97 -21.68
C GLY C 7 -5.76 -10.33 -21.11
N VAL C 8 -5.71 -10.45 -19.79
CA VAL C 8 -5.45 -11.75 -19.16
C VAL C 8 -6.57 -12.71 -19.56
N PRO C 9 -6.31 -14.00 -19.65
CA PRO C 9 -7.36 -14.93 -20.08
C PRO C 9 -8.39 -15.17 -19.00
N GLY C 10 -9.60 -15.51 -19.45
CA GLY C 10 -10.68 -15.85 -18.55
C GLY C 10 -11.28 -14.68 -17.80
N ALA C 11 -11.17 -13.46 -18.32
CA ALA C 11 -11.66 -12.28 -17.63
C ALA C 11 -12.84 -11.61 -18.32
N GLY C 12 -12.99 -11.77 -19.63
CA GLY C 12 -14.11 -11.19 -20.34
C GLY C 12 -13.74 -10.58 -21.68
N LYS C 13 -12.48 -10.76 -22.10
CA LYS C 13 -12.03 -10.19 -23.37
C LYS C 13 -12.91 -10.67 -24.52
N THR C 14 -13.26 -11.96 -24.54
CA THR C 14 -14.01 -12.50 -25.66
C THR C 14 -15.42 -11.93 -25.73
N THR C 15 -16.05 -11.64 -24.58
CA THR C 15 -17.36 -11.00 -24.62
C THR C 15 -17.27 -9.61 -25.23
N VAL C 16 -16.22 -8.86 -24.87
CA VAL C 16 -16.00 -7.55 -25.47
C VAL C 16 -15.84 -7.68 -26.97
N CYS C 17 -15.02 -8.64 -27.42
CA CYS C 17 -14.81 -8.83 -28.85
C CYS C 17 -16.11 -9.18 -29.56
N ASN C 18 -16.93 -10.05 -28.95
CA ASN C 18 -18.18 -10.45 -29.57
C ASN C 18 -19.14 -9.26 -29.68
N LYS C 19 -19.31 -8.50 -28.60
CA LYS C 19 -20.22 -7.37 -28.67
C LYS C 19 -19.69 -6.29 -29.61
N LEU C 20 -18.37 -6.18 -29.74
CA LEU C 20 -17.81 -5.29 -30.77
C LEU C 20 -18.21 -5.76 -32.15
N ALA C 21 -17.97 -7.04 -32.45
CA ALA C 21 -18.35 -7.58 -33.75
C ALA C 21 -19.84 -7.37 -34.03
N GLU C 22 -20.68 -7.38 -32.99
CA GLU C 22 -22.11 -7.25 -33.22
C GLU C 22 -22.54 -5.80 -33.38
N LYS C 23 -21.94 -4.88 -32.63
CA LYS C 23 -22.39 -3.50 -32.61
C LYS C 23 -21.65 -2.59 -33.59
N MET C 24 -20.52 -3.03 -34.14
CA MET C 24 -19.70 -2.22 -35.03
C MET C 24 -19.83 -2.71 -36.46
N SER C 25 -20.06 -1.78 -37.38
CA SER C 25 -20.13 -2.08 -38.80
C SER C 25 -18.75 -1.94 -39.43
N ASN C 26 -18.56 -2.66 -40.55
CA ASN C 26 -17.29 -2.63 -41.27
C ASN C 26 -16.12 -2.94 -40.35
N LEU C 27 -16.35 -3.81 -39.37
CA LEU C 27 -15.35 -4.19 -38.38
C LEU C 27 -15.16 -5.70 -38.43
N SER C 28 -13.92 -6.13 -38.66
CA SER C 28 -13.59 -7.55 -38.72
C SER C 28 -12.85 -7.95 -37.45
N VAL C 29 -13.43 -8.86 -36.68
CA VAL C 29 -12.85 -9.33 -35.43
C VAL C 29 -12.25 -10.70 -35.69
N VAL C 30 -10.91 -10.80 -35.64
CA VAL C 30 -10.20 -12.03 -35.98
C VAL C 30 -9.37 -12.47 -34.78
N ASN C 31 -9.35 -13.77 -34.52
CA ASN C 31 -8.63 -14.36 -33.40
C ASN C 31 -7.28 -14.84 -33.90
N TYR C 32 -6.21 -14.13 -33.54
CA TYR C 32 -4.87 -14.50 -33.98
C TYR C 32 -4.55 -15.95 -33.63
N GLY C 33 -5.01 -16.41 -32.46
CA GLY C 33 -4.69 -17.76 -32.02
C GLY C 33 -5.31 -18.82 -32.91
N ASP C 34 -6.59 -18.64 -33.26
CA ASP C 34 -7.26 -19.61 -34.13
C ASP C 34 -6.60 -19.66 -35.51
N VAL C 35 -6.22 -18.50 -36.05
CA VAL C 35 -5.57 -18.46 -37.35
C VAL C 35 -4.24 -19.19 -37.30
N ILE C 36 -3.44 -18.92 -36.27
CA ILE C 36 -2.15 -19.60 -36.13
C ILE C 36 -2.36 -21.10 -36.01
N PHE C 37 -3.36 -21.52 -35.22
CA PHE C 37 -3.63 -22.94 -35.05
C PHE C 37 -3.97 -23.59 -36.39
N GLU C 38 -4.87 -22.96 -37.15
CA GLU C 38 -5.27 -23.52 -38.44
C GLU C 38 -4.08 -23.64 -39.39
N GLU C 39 -3.32 -22.55 -39.54
CA GLU C 39 -2.18 -22.56 -40.46
C GLU C 39 -1.15 -23.61 -40.05
N ALA C 40 -0.79 -23.63 -38.76
CA ALA C 40 0.18 -24.61 -38.29
C ALA C 40 -0.32 -26.03 -38.54
N LYS C 41 -1.57 -26.31 -38.19
CA LYS C 41 -2.13 -27.64 -38.43
C LYS C 41 -2.00 -28.03 -39.89
N LYS C 42 -2.41 -27.15 -40.81
CA LYS C 42 -2.45 -27.54 -42.20
C LYS C 42 -1.05 -27.67 -42.81
N LEU C 43 -0.08 -26.90 -42.30
CA LEU C 43 1.27 -26.98 -42.86
C LEU C 43 2.10 -28.10 -42.24
N TYR C 44 1.79 -28.51 -41.01
CA TYR C 44 2.45 -29.64 -40.34
C TYR C 44 1.38 -30.57 -39.81
N PRO C 45 0.65 -31.25 -40.70
CA PRO C 45 -0.49 -32.07 -40.26
C PRO C 45 -0.13 -33.27 -39.41
N SER C 46 1.16 -33.61 -39.30
CA SER C 46 1.57 -34.78 -38.55
C SER C 46 1.91 -34.44 -37.09
N ILE C 47 2.59 -33.31 -36.85
CA ILE C 47 3.09 -33.00 -35.53
C ILE C 47 2.13 -32.15 -34.70
N ILE C 48 1.13 -31.55 -35.33
CA ILE C 48 0.25 -30.58 -34.68
C ILE C 48 -1.17 -31.11 -34.74
N GLN C 49 -1.76 -31.35 -33.56
CA GLN C 49 -3.17 -31.73 -33.48
C GLN C 49 -3.91 -31.09 -32.33
N VAL C 50 -3.24 -30.36 -31.43
CA VAL C 50 -3.89 -29.49 -30.47
C VAL C 50 -3.16 -28.16 -30.49
N ARG C 51 -3.80 -27.14 -29.93
CA ARG C 51 -3.24 -25.79 -29.98
C ARG C 51 -1.84 -25.76 -29.37
N GLU C 52 -1.74 -26.06 -28.07
CA GLU C 52 -0.46 -25.96 -27.38
C GLU C 52 0.58 -26.97 -27.88
N ASP C 53 0.22 -27.87 -28.79
CA ASP C 53 1.24 -28.69 -29.46
C ASP C 53 2.15 -27.85 -30.35
N THR C 54 1.77 -26.61 -30.65
CA THR C 54 2.56 -25.74 -31.52
C THR C 54 3.88 -25.31 -30.90
N ARG C 55 4.20 -25.77 -29.68
CA ARG C 55 5.45 -25.43 -29.05
C ARG C 55 6.59 -26.38 -29.44
N LYS C 56 6.27 -27.56 -29.96
CA LYS C 56 7.30 -28.51 -30.37
C LYS C 56 8.06 -28.01 -31.59
N LEU C 57 7.43 -27.19 -32.43
CA LEU C 57 8.06 -26.77 -33.67
C LEU C 57 9.32 -25.97 -33.38
N PRO C 58 10.36 -26.09 -34.18
CA PRO C 58 11.55 -25.25 -33.98
C PRO C 58 11.23 -23.78 -34.15
N ARG C 59 12.07 -22.94 -33.56
CA ARG C 59 11.89 -21.49 -33.58
C ARG C 59 11.50 -21.00 -34.98
N ALA C 60 12.23 -21.43 -36.01
CA ALA C 60 12.03 -20.89 -37.34
C ALA C 60 10.63 -21.23 -37.87
N ASP C 61 10.19 -22.47 -37.70
CA ASP C 61 8.90 -22.87 -38.26
C ASP C 61 7.74 -22.19 -37.53
N TYR C 62 7.85 -22.05 -36.20
CA TYR C 62 6.80 -21.33 -35.47
C TYR C 62 6.74 -19.87 -35.91
N ARG C 63 7.90 -19.22 -36.01
CA ARG C 63 7.92 -17.85 -36.50
C ARG C 63 7.36 -17.76 -37.92
N ASN C 64 7.57 -18.80 -38.73
CA ASN C 64 7.06 -18.76 -40.10
C ASN C 64 5.55 -18.88 -40.14
N ILE C 65 4.97 -19.76 -39.32
CA ILE C 65 3.51 -19.84 -39.29
C ILE C 65 2.92 -18.57 -38.71
N GLN C 66 3.61 -17.93 -37.75
CA GLN C 66 3.14 -16.63 -37.26
C GLN C 66 3.19 -15.59 -38.36
N ILE C 67 4.27 -15.59 -39.16
CA ILE C 67 4.38 -14.67 -40.28
C ILE C 67 3.23 -14.89 -41.26
N GLU C 68 2.93 -16.16 -41.56
CA GLU C 68 1.85 -16.45 -42.50
C GLU C 68 0.50 -16.00 -41.96
N ALA C 69 0.25 -16.22 -40.66
CA ALA C 69 -1.00 -15.76 -40.06
C ALA C 69 -1.11 -14.24 -40.12
N ALA C 70 -0.01 -13.54 -39.81
CA ALA C 70 -0.02 -12.08 -39.87
C ALA C 70 -0.28 -11.60 -41.29
N LYS C 71 0.34 -12.23 -42.28
CA LYS C 71 0.08 -11.85 -43.66
C LYS C 71 -1.37 -12.12 -44.05
N LYS C 72 -1.91 -13.24 -43.60
CA LYS C 72 -3.30 -13.57 -43.95
C LYS C 72 -4.25 -12.53 -43.38
N ILE C 73 -4.07 -12.16 -42.12
CA ILE C 73 -4.99 -11.18 -41.51
C ILE C 73 -4.67 -9.76 -41.89
N SER C 74 -3.50 -9.49 -42.48
CA SER C 74 -3.20 -8.16 -42.98
C SER C 74 -3.98 -7.88 -44.27
N LEU C 75 -4.29 -8.92 -45.04
CA LEU C 75 -5.04 -8.75 -46.27
C LEU C 75 -6.42 -8.14 -46.04
N ILE C 76 -6.94 -8.23 -44.82
CA ILE C 76 -8.25 -7.68 -44.52
C ILE C 76 -8.19 -6.15 -44.54
N THR C 77 -9.11 -5.54 -45.26
CA THR C 77 -9.14 -4.10 -45.43
C THR C 77 -10.02 -3.45 -44.36
N ASP C 78 -10.18 -2.15 -44.46
CA ASP C 78 -11.07 -1.37 -43.56
C ASP C 78 -10.55 -1.58 -42.13
N ASN C 79 -11.44 -1.77 -41.15
CA ASN C 79 -11.08 -1.77 -39.75
C ASN C 79 -11.20 -3.18 -39.18
N LEU C 80 -10.19 -3.59 -38.41
CA LEU C 80 -10.20 -4.91 -37.80
C LEU C 80 -9.65 -4.84 -36.38
N ILE C 81 -10.24 -5.66 -35.51
CA ILE C 81 -9.71 -5.93 -34.18
C ILE C 81 -9.09 -7.32 -34.21
N VAL C 82 -7.89 -7.43 -33.65
CA VAL C 82 -7.19 -8.70 -33.52
C VAL C 82 -7.29 -9.12 -32.05
N ASP C 83 -8.11 -10.12 -31.79
CA ASP C 83 -8.14 -10.75 -30.49
C ASP C 83 -6.93 -11.64 -30.31
N THR C 84 -6.19 -11.43 -29.24
CA THR C 84 -5.00 -12.22 -28.96
C THR C 84 -4.57 -11.91 -27.53
N HIS C 85 -3.55 -12.61 -27.08
CA HIS C 85 -2.98 -12.43 -25.74
C HIS C 85 -1.53 -11.99 -25.90
N MET C 86 -1.16 -10.94 -25.17
CA MET C 86 0.19 -10.42 -25.30
C MET C 86 1.22 -11.30 -24.58
N SER C 87 0.80 -12.02 -23.55
CA SER C 87 1.67 -12.97 -22.88
C SER C 87 0.82 -14.07 -22.26
N LEU C 88 1.29 -15.31 -22.39
CA LEU C 88 0.66 -16.46 -21.76
C LEU C 88 1.65 -17.10 -20.80
N LYS C 89 1.15 -17.53 -19.64
CA LYS C 89 2.03 -18.13 -18.64
C LYS C 89 2.10 -19.64 -18.86
N THR C 90 3.30 -20.19 -18.68
CA THR C 90 3.61 -21.58 -18.91
C THR C 90 4.53 -22.04 -17.78
N PRO C 91 4.82 -23.35 -17.65
CA PRO C 91 5.79 -23.76 -16.63
C PRO C 91 7.13 -23.07 -16.73
N TYR C 92 7.46 -22.47 -17.89
CA TYR C 92 8.73 -21.79 -18.08
C TYR C 92 8.64 -20.28 -17.86
N GLY C 93 7.45 -19.77 -17.58
CA GLY C 93 7.29 -18.34 -17.35
C GLY C 93 6.35 -17.69 -18.35
N PHE C 94 6.49 -16.40 -18.56
CA PHE C 94 5.64 -15.68 -19.51
C PHE C 94 6.25 -15.78 -20.91
N TYR C 95 5.40 -16.05 -21.90
CA TYR C 95 5.82 -16.17 -23.28
C TYR C 95 4.98 -15.22 -24.13
N PRO C 96 5.58 -14.46 -25.04
CA PRO C 96 4.80 -13.52 -25.84
C PRO C 96 4.01 -14.22 -26.94
N GLY C 97 2.87 -13.62 -27.28
CA GLY C 97 2.06 -14.11 -28.37
C GLY C 97 2.38 -13.50 -29.72
N LEU C 98 3.13 -12.40 -29.74
CA LEU C 98 3.46 -11.70 -30.96
C LEU C 98 4.97 -11.64 -31.14
N ILE C 99 5.37 -11.16 -32.32
CA ILE C 99 6.77 -10.81 -32.59
C ILE C 99 6.78 -9.54 -33.43
N PRO C 100 7.91 -8.83 -33.44
CA PRO C 100 7.96 -7.58 -34.21
C PRO C 100 7.49 -7.74 -35.65
N GLU C 101 7.83 -8.87 -36.28
CA GLU C 101 7.34 -9.13 -37.63
C GLU C 101 5.82 -9.14 -37.67
N THR C 102 5.19 -9.82 -36.71
CA THR C 102 3.73 -9.84 -36.67
C THR C 102 3.16 -8.43 -36.61
N ILE C 103 3.72 -7.59 -35.74
CA ILE C 103 3.16 -6.26 -35.51
C ILE C 103 3.35 -5.39 -36.75
N ASN C 104 4.55 -5.36 -37.32
CA ASN C 104 4.77 -4.52 -38.49
C ASN C 104 4.23 -5.13 -39.78
N ILE C 105 3.73 -6.37 -39.72
CA ILE C 105 2.99 -6.94 -40.85
C ILE C 105 1.51 -6.60 -40.76
N ILE C 106 0.95 -6.63 -39.56
CA ILE C 106 -0.43 -6.18 -39.39
C ILE C 106 -0.50 -4.66 -39.28
N GLN C 107 0.63 -4.00 -38.97
CA GLN C 107 0.73 -2.55 -38.85
C GLN C 107 -0.49 -1.97 -38.13
N PRO C 108 -0.70 -2.35 -36.87
CA PRO C 108 -1.86 -1.84 -36.14
C PRO C 108 -1.64 -0.42 -35.65
N ASP C 109 -2.75 0.31 -35.51
CA ASP C 109 -2.67 1.67 -35.00
C ASP C 109 -2.48 1.69 -33.48
N GLY C 110 -3.02 0.70 -32.77
CA GLY C 110 -2.90 0.70 -31.33
C GLY C 110 -3.17 -0.67 -30.72
N ILE C 111 -2.78 -0.76 -29.44
CA ILE C 111 -2.99 -1.95 -28.63
C ILE C 111 -3.88 -1.56 -27.46
N ILE C 112 -5.02 -2.24 -27.34
CA ILE C 112 -5.96 -2.04 -26.24
C ILE C 112 -5.69 -3.12 -25.20
N LEU C 113 -5.61 -2.70 -23.93
CA LEU C 113 -5.37 -3.61 -22.81
C LEU C 113 -6.55 -3.51 -21.85
N LEU C 114 -7.26 -4.62 -21.68
CA LEU C 114 -8.37 -4.67 -20.73
C LEU C 114 -7.80 -5.11 -19.38
N GLU C 115 -7.66 -4.16 -18.45
CA GLU C 115 -7.08 -4.46 -17.14
C GLU C 115 -8.21 -4.56 -16.13
N PHE C 116 -8.46 -5.77 -15.63
CA PHE C 116 -9.53 -6.05 -14.69
C PHE C 116 -9.00 -6.05 -13.26
N ASN C 117 -9.91 -6.23 -12.29
CA ASN C 117 -9.52 -6.44 -10.91
C ASN C 117 -9.26 -7.92 -10.67
N PRO C 118 -8.16 -8.31 -10.02
CA PRO C 118 -7.86 -9.74 -9.88
C PRO C 118 -8.99 -10.54 -9.23
N ARG C 119 -9.69 -9.96 -8.25
CA ARG C 119 -10.78 -10.68 -7.59
C ARG C 119 -11.87 -11.03 -8.60
N ASP C 120 -12.27 -10.06 -9.42
CA ASP C 120 -13.23 -10.32 -10.48
C ASP C 120 -12.73 -11.41 -11.42
N VAL C 121 -11.43 -11.41 -11.73
CA VAL C 121 -10.88 -12.42 -12.64
C VAL C 121 -11.02 -13.80 -12.04
N ILE C 122 -10.67 -13.94 -10.76
CA ILE C 122 -10.80 -15.24 -10.09
C ILE C 122 -12.26 -15.70 -10.12
N ALA C 123 -13.17 -14.79 -9.81
CA ALA C 123 -14.59 -15.15 -9.80
C ALA C 123 -15.04 -15.63 -11.17
N ARG C 124 -14.71 -14.86 -12.22
CA ARG C 124 -15.10 -15.23 -13.57
C ARG C 124 -14.52 -16.58 -13.97
N ARG C 125 -13.23 -16.78 -13.69
CA ARG C 125 -12.58 -18.03 -14.06
C ARG C 125 -13.25 -19.22 -13.40
N GLU C 126 -13.56 -19.11 -12.10
CA GLU C 126 -14.18 -20.24 -11.43
C GLU C 126 -15.61 -20.48 -11.93
N LYS C 127 -16.36 -19.39 -12.18
CA LYS C 127 -17.71 -19.55 -12.70
C LYS C 127 -17.69 -20.23 -14.06
N ASP C 128 -16.71 -19.91 -14.90
CA ASP C 128 -16.57 -20.61 -16.18
C ASP C 128 -16.16 -22.06 -15.98
N ARG C 129 -15.23 -22.32 -15.06
CA ARG C 129 -14.78 -23.68 -14.83
C ARG C 129 -15.94 -24.58 -14.39
N LEU C 130 -16.82 -24.06 -13.54
CA LEU C 130 -17.94 -24.88 -13.09
C LEU C 130 -18.91 -25.18 -14.23
N ALA C 131 -19.06 -24.25 -15.18
CA ALA C 131 -19.90 -24.47 -16.35
C ALA C 131 -19.23 -25.33 -17.41
N GLY C 132 -18.08 -25.92 -17.11
CA GLY C 132 -17.39 -26.78 -18.07
C GLY C 132 -16.95 -26.05 -19.31
N LYS C 133 -16.70 -24.75 -19.22
CA LYS C 133 -16.29 -23.94 -20.37
C LYS C 133 -14.78 -23.77 -20.45
N ARG C 134 -14.02 -24.55 -19.71
CA ARG C 134 -12.56 -24.50 -19.78
C ARG C 134 -11.94 -25.68 -19.06
N GLU C 140 -4.53 -19.59 -10.23
CA GLU C 140 -3.75 -18.37 -10.04
C GLU C 140 -4.29 -17.55 -8.86
N SER C 141 -3.46 -16.64 -8.36
CA SER C 141 -3.79 -15.81 -7.22
C SER C 141 -3.76 -14.33 -7.60
N GLU C 142 -4.47 -13.53 -6.80
CA GLU C 142 -4.45 -12.07 -6.92
C GLU C 142 -3.09 -11.55 -7.38
N THR C 143 -2.05 -11.94 -6.64
CA THR C 143 -0.69 -11.48 -6.96
C THR C 143 -0.28 -11.93 -8.35
N ASP C 144 -0.52 -13.19 -8.68
CA ASP C 144 -0.12 -13.71 -9.99
C ASP C 144 -0.84 -12.98 -11.11
N ILE C 145 -2.13 -12.71 -10.93
CA ILE C 145 -2.89 -12.02 -11.96
C ILE C 145 -2.40 -10.59 -12.14
N LEU C 146 -2.11 -9.91 -11.03
CA LEU C 146 -1.61 -8.55 -11.15
C LEU C 146 -0.24 -8.52 -11.82
N LEU C 147 0.60 -9.51 -11.52
CA LEU C 147 1.89 -9.61 -12.19
C LEU C 147 1.72 -9.86 -13.68
N HIS C 148 0.77 -10.72 -14.04
CA HIS C 148 0.51 -10.97 -15.46
C HIS C 148 0.07 -9.69 -16.16
N GLN C 149 -0.81 -8.92 -15.52
CA GLN C 149 -1.26 -7.67 -16.14
C GLN C 149 -0.11 -6.68 -16.26
N GLN C 150 0.77 -6.63 -15.26
CA GLN C 150 1.90 -5.72 -15.35
C GLN C 150 2.85 -6.10 -16.48
N VAL C 151 3.13 -7.40 -16.63
CA VAL C 151 4.03 -7.79 -17.72
C VAL C 151 3.36 -7.61 -19.07
N ASN C 152 2.03 -7.77 -19.15
CA ASN C 152 1.34 -7.44 -20.38
C ASN C 152 1.50 -5.96 -20.71
N ARG C 153 1.34 -5.09 -19.71
CA ARG C 153 1.54 -3.67 -19.92
C ARG C 153 2.96 -3.38 -20.42
N MET C 154 3.96 -4.04 -19.83
CA MET C 154 5.34 -3.82 -20.26
C MET C 154 5.53 -4.27 -21.71
N PHE C 155 4.99 -5.44 -22.06
CA PHE C 155 5.09 -5.91 -23.43
C PHE C 155 4.46 -4.90 -24.40
N ALA C 156 3.27 -4.40 -24.05
CA ALA C 156 2.60 -3.46 -24.93
C ALA C 156 3.41 -2.18 -25.09
N VAL C 157 4.00 -1.69 -24.00
CA VAL C 157 4.80 -0.47 -24.09
C VAL C 157 6.02 -0.70 -24.96
N SER C 158 6.64 -1.89 -24.85
CA SER C 158 7.80 -2.19 -25.68
C SER C 158 7.40 -2.23 -27.16
N TYR C 159 6.31 -2.92 -27.47
CA TYR C 159 5.85 -2.97 -28.85
C TYR C 159 5.57 -1.57 -29.38
N SER C 160 4.98 -0.70 -28.55
CA SER C 160 4.69 0.66 -29.00
C SER C 160 5.96 1.45 -29.24
N ALA C 161 6.94 1.32 -28.34
CA ALA C 161 8.20 2.03 -28.52
C ALA C 161 8.90 1.58 -29.79
N ILE C 162 8.79 0.29 -30.13
CA ILE C 162 9.51 -0.21 -31.30
C ILE C 162 8.78 0.17 -32.59
N ASN C 163 7.46 0.01 -32.62
CA ASN C 163 6.69 0.18 -33.85
C ASN C 163 5.91 1.50 -33.88
N GLN C 164 5.98 2.31 -32.83
CA GLN C 164 5.24 3.56 -32.78
C GLN C 164 3.75 3.33 -32.98
N CYS C 165 3.07 2.89 -31.92
CA CYS C 165 1.63 2.69 -31.95
C CYS C 165 1.07 3.11 -30.61
N TYR C 166 -0.25 3.29 -30.55
CA TYR C 166 -0.91 3.73 -29.34
C TYR C 166 -1.00 2.58 -28.33
N VAL C 167 -1.07 2.95 -27.05
CA VAL C 167 -1.22 1.98 -25.97
C VAL C 167 -2.41 2.37 -25.11
N LYS C 168 -3.61 1.99 -25.53
CA LYS C 168 -4.80 2.27 -24.75
C LYS C 168 -4.94 1.24 -23.64
N ILE C 169 -5.29 1.72 -22.44
CA ILE C 169 -5.42 0.87 -21.26
C ILE C 169 -6.79 1.15 -20.66
N ILE C 170 -7.74 0.25 -20.92
CA ILE C 170 -9.09 0.38 -20.38
C ILE C 170 -9.10 -0.26 -19.00
N ASP C 171 -9.42 0.54 -17.98
CA ASP C 171 -9.35 0.14 -16.59
C ASP C 171 -10.74 -0.31 -16.13
N LEU C 172 -10.95 -1.62 -16.08
CA LEU C 172 -12.19 -2.21 -15.58
C LEU C 172 -12.02 -2.78 -14.17
N THR C 173 -11.18 -2.14 -13.34
CA THR C 173 -10.94 -2.61 -11.99
C THR C 173 -11.99 -2.16 -11.00
N TRP C 174 -12.98 -1.37 -11.43
CA TRP C 174 -14.00 -0.89 -10.51
C TRP C 174 -15.14 -1.89 -10.39
N PRO C 175 -15.81 -1.96 -9.24
CA PRO C 175 -16.87 -2.94 -9.08
C PRO C 175 -18.08 -2.60 -9.93
N GLN C 176 -18.65 -3.62 -10.55
CA GLN C 176 -19.80 -3.42 -11.42
C GLN C 176 -21.05 -3.10 -10.62
N GLU C 177 -21.95 -2.34 -11.23
CA GLU C 177 -23.27 -2.09 -10.67
C GLU C 177 -24.29 -3.10 -11.18
N TYR C 178 -24.02 -3.73 -12.32
CA TYR C 178 -24.88 -4.77 -12.87
C TYR C 178 -24.05 -5.63 -13.80
N GLU C 179 -24.56 -6.81 -14.11
CA GLU C 179 -23.82 -7.74 -14.96
C GLU C 179 -23.48 -7.08 -16.30
N PHE C 180 -22.33 -7.47 -16.84
CA PHE C 180 -21.87 -7.01 -18.15
C PHE C 180 -21.65 -5.50 -18.22
N GLN C 181 -21.52 -4.84 -17.07
CA GLN C 181 -21.21 -3.41 -17.11
C GLN C 181 -19.78 -3.17 -17.55
N HIS C 182 -18.85 -4.04 -17.12
CA HIS C 182 -17.47 -3.91 -17.56
C HIS C 182 -17.37 -4.03 -19.07
N THR C 183 -17.94 -5.10 -19.64
CA THR C 183 -17.83 -5.30 -21.08
C THR C 183 -18.55 -4.21 -21.85
N GLU C 184 -19.69 -3.74 -21.35
CA GLU C 184 -20.41 -2.68 -22.04
C GLU C 184 -19.60 -1.40 -22.04
N TYR C 185 -19.04 -1.04 -20.88
CA TYR C 185 -18.19 0.15 -20.80
C TYR C 185 -16.99 0.03 -21.75
N ALA C 186 -16.35 -1.14 -21.77
CA ALA C 186 -15.19 -1.32 -22.64
C ALA C 186 -15.58 -1.23 -24.11
N VAL C 187 -16.67 -1.88 -24.49
CA VAL C 187 -17.13 -1.83 -25.88
C VAL C 187 -17.45 -0.40 -26.27
N ASN C 188 -18.11 0.35 -25.39
CA ASN C 188 -18.47 1.72 -25.73
C ASN C 188 -17.24 2.60 -25.84
N LYS C 189 -16.26 2.43 -24.96
CA LYS C 189 -15.02 3.17 -25.08
C LYS C 189 -14.33 2.86 -26.40
N ILE C 190 -14.28 1.58 -26.77
CA ILE C 190 -13.62 1.19 -28.02
C ILE C 190 -14.36 1.75 -29.21
N ILE C 191 -15.69 1.82 -29.14
CA ILE C 191 -16.47 2.31 -30.27
C ILE C 191 -16.32 3.81 -30.41
N GLU C 192 -16.30 4.54 -29.28
CA GLU C 192 -16.04 5.97 -29.34
C GLU C 192 -14.62 6.24 -29.84
N MET C 193 -13.69 5.33 -29.56
CA MET C 193 -12.35 5.45 -30.12
C MET C 193 -12.37 5.28 -31.63
N LEU C 194 -13.06 4.23 -32.11
CA LEU C 194 -13.11 3.98 -33.55
C LEU C 194 -13.80 5.12 -34.29
N ASN C 195 -14.87 5.68 -33.72
CA ASN C 195 -15.61 6.73 -34.40
C ASN C 195 -14.86 8.06 -34.37
N PHE C 196 -14.11 8.32 -33.29
CA PHE C 196 -13.37 9.57 -33.14
C PHE C 196 -12.61 9.94 -34.42
N MET D 1 -22.13 -20.14 25.82
CA MET D 1 -21.32 -18.91 25.60
C MET D 1 -22.09 -17.86 24.83
N ARG D 2 -21.63 -16.61 24.90
CA ARG D 2 -22.34 -15.48 24.32
C ARG D 2 -21.38 -14.61 23.53
N PHE D 3 -21.67 -14.44 22.25
CA PHE D 3 -20.85 -13.62 21.36
C PHE D 3 -21.73 -12.62 20.63
N ILE D 4 -21.25 -11.39 20.53
CA ILE D 4 -21.94 -10.32 19.82
C ILE D 4 -21.31 -10.24 18.44
N LEU D 5 -22.00 -10.76 17.43
CA LEU D 5 -21.50 -10.71 16.06
C LEU D 5 -21.85 -9.37 15.43
N THR D 6 -20.87 -8.76 14.77
CA THR D 6 -21.07 -7.44 14.18
C THR D 6 -20.24 -7.31 12.92
N GLY D 7 -20.52 -6.22 12.19
CA GLY D 7 -19.88 -5.94 10.91
C GLY D 7 -20.63 -4.85 10.18
N VAL D 8 -20.01 -4.26 9.17
CA VAL D 8 -20.67 -3.22 8.38
C VAL D 8 -21.94 -3.79 7.79
N PRO D 9 -23.00 -3.01 7.64
CA PRO D 9 -24.26 -3.53 7.08
C PRO D 9 -24.12 -3.81 5.59
N GLY D 10 -25.13 -4.52 5.06
CA GLY D 10 -25.19 -4.86 3.66
C GLY D 10 -23.94 -5.52 3.13
N ALA D 11 -23.43 -6.52 3.85
CA ALA D 11 -22.20 -7.19 3.46
C ALA D 11 -22.35 -8.70 3.47
N GLY D 12 -23.15 -9.23 4.41
CA GLY D 12 -23.35 -10.65 4.52
C GLY D 12 -23.47 -11.14 5.95
N LYS D 13 -23.76 -10.22 6.88
CA LYS D 13 -23.88 -10.61 8.28
C LYS D 13 -25.13 -11.44 8.53
N THR D 14 -26.27 -11.04 7.95
CA THR D 14 -27.51 -11.75 8.21
C THR D 14 -27.49 -13.14 7.60
N THR D 15 -26.79 -13.33 6.48
CA THR D 15 -26.69 -14.67 5.91
C THR D 15 -25.87 -15.59 6.82
N VAL D 16 -24.75 -15.07 7.34
CA VAL D 16 -23.98 -15.83 8.31
C VAL D 16 -24.85 -16.19 9.50
N CYS D 17 -25.67 -15.25 9.98
CA CYS D 17 -26.55 -15.52 11.12
C CYS D 17 -27.55 -16.61 10.79
N ASN D 18 -28.21 -16.50 9.63
CA ASN D 18 -29.25 -17.46 9.26
C ASN D 18 -28.67 -18.85 9.08
N LYS D 19 -27.47 -18.95 8.51
CA LYS D 19 -26.87 -20.26 8.28
C LYS D 19 -26.16 -20.81 9.50
N LEU D 20 -25.84 -19.96 10.48
CA LEU D 20 -25.47 -20.46 11.79
C LEU D 20 -26.67 -21.07 12.48
N ALA D 21 -27.81 -20.36 12.45
CA ALA D 21 -29.03 -20.90 13.04
C ALA D 21 -29.46 -22.19 12.36
N GLU D 22 -29.27 -22.27 11.04
CA GLU D 22 -29.66 -23.46 10.30
C GLU D 22 -28.76 -24.65 10.62
N LYS D 23 -27.44 -24.41 10.66
CA LYS D 23 -26.46 -25.48 10.77
C LYS D 23 -26.14 -25.84 12.21
N MET D 24 -26.99 -25.44 13.16
CA MET D 24 -26.71 -25.70 14.57
C MET D 24 -27.92 -25.37 15.44
N SER D 25 -28.54 -26.40 16.03
CA SER D 25 -29.65 -26.17 16.95
C SER D 25 -29.18 -25.89 18.37
N ASN D 26 -27.92 -26.19 18.68
CA ASN D 26 -27.32 -25.77 19.95
C ASN D 26 -26.92 -24.31 19.84
N LEU D 27 -27.85 -23.45 19.45
CA LEU D 27 -27.54 -22.06 19.19
C LEU D 27 -28.80 -21.23 18.98
N SER D 28 -28.88 -20.07 19.61
CA SER D 28 -29.98 -19.14 19.45
C SER D 28 -29.44 -17.87 18.81
N VAL D 29 -30.02 -17.48 17.69
CA VAL D 29 -29.62 -16.28 16.96
C VAL D 29 -30.73 -15.23 17.12
N VAL D 30 -30.34 -13.99 17.33
CA VAL D 30 -31.28 -12.91 17.59
C VAL D 30 -30.66 -11.59 17.17
N ASN D 31 -31.47 -10.73 16.58
CA ASN D 31 -31.04 -9.41 16.12
C ASN D 31 -31.47 -8.36 17.13
N TYR D 32 -30.49 -7.65 17.69
CA TYR D 32 -30.79 -6.65 18.71
C TYR D 32 -31.76 -5.59 18.18
N GLY D 33 -31.60 -5.19 16.92
CA GLY D 33 -32.50 -4.19 16.37
C GLY D 33 -33.93 -4.66 16.32
N ASP D 34 -34.15 -5.93 16.00
CA ASP D 34 -35.52 -6.45 15.91
C ASP D 34 -36.18 -6.50 17.28
N VAL D 35 -35.47 -6.96 18.30
CA VAL D 35 -36.03 -6.95 19.65
C VAL D 35 -36.29 -5.53 20.11
N ILE D 36 -35.41 -4.60 19.75
CA ILE D 36 -35.64 -3.20 20.11
C ILE D 36 -36.92 -2.70 19.45
N PHE D 37 -37.10 -2.98 18.17
CA PHE D 37 -38.30 -2.53 17.47
C PHE D 37 -39.55 -3.14 18.08
N GLU D 38 -39.51 -4.42 18.44
CA GLU D 38 -40.68 -5.06 19.03
C GLU D 38 -41.00 -4.47 20.39
N GLU D 39 -39.99 -4.33 21.26
CA GLU D 39 -40.21 -3.71 22.55
C GLU D 39 -40.77 -2.30 22.40
N ALA D 40 -40.30 -1.57 21.38
CA ALA D 40 -40.77 -0.21 21.16
C ALA D 40 -42.23 -0.19 20.73
N LYS D 41 -42.59 -1.04 19.77
CA LYS D 41 -43.98 -1.09 19.34
C LYS D 41 -44.90 -1.64 20.42
N LYS D 42 -44.35 -2.33 21.43
CA LYS D 42 -45.17 -2.82 22.53
C LYS D 42 -45.31 -1.79 23.64
N LEU D 43 -44.28 -0.98 23.89
CA LEU D 43 -44.37 0.10 24.86
C LEU D 43 -44.81 1.42 24.22
N TYR D 44 -44.67 1.55 22.89
CA TYR D 44 -45.08 2.75 22.17
C TYR D 44 -45.74 2.35 20.86
N PRO D 45 -46.87 1.63 20.93
CA PRO D 45 -47.46 1.06 19.71
C PRO D 45 -47.83 2.10 18.67
N SER D 46 -48.65 3.07 19.04
CA SER D 46 -49.08 4.08 18.08
C SER D 46 -47.89 4.84 17.51
N ILE D 47 -46.92 5.19 18.35
CA ILE D 47 -45.82 6.03 17.91
C ILE D 47 -44.88 5.26 16.99
N ILE D 48 -44.56 4.01 17.36
CA ILE D 48 -43.55 3.23 16.66
C ILE D 48 -44.26 2.49 15.54
N GLN D 49 -44.41 3.17 14.40
CA GLN D 49 -44.96 2.52 13.20
C GLN D 49 -43.87 1.82 12.39
N VAL D 50 -42.69 2.45 12.27
CA VAL D 50 -41.61 1.92 11.44
C VAL D 50 -40.38 1.76 12.31
N ARG D 51 -39.42 1.00 11.79
CA ARG D 51 -38.13 0.84 12.48
C ARG D 51 -37.36 2.15 12.52
N GLU D 52 -37.58 3.04 11.55
CA GLU D 52 -36.89 4.32 11.55
C GLU D 52 -37.51 5.31 12.52
N ASP D 53 -38.82 5.22 12.75
CA ASP D 53 -39.49 6.13 13.67
C ASP D 53 -38.83 6.17 15.04
N THR D 54 -38.00 5.18 15.37
CA THR D 54 -37.28 5.19 16.64
C THR D 54 -36.45 6.45 16.83
N ARG D 55 -36.15 7.19 15.75
CA ARG D 55 -35.40 8.43 15.88
C ARG D 55 -36.17 9.49 16.65
N LYS D 56 -37.51 9.38 16.73
CA LYS D 56 -38.31 10.43 17.36
C LYS D 56 -38.16 10.38 18.88
N LEU D 57 -38.04 9.19 19.45
CA LEU D 57 -38.14 9.04 20.90
C LEU D 57 -37.00 9.78 21.61
N PRO D 58 -37.25 10.28 22.82
CA PRO D 58 -36.16 10.89 23.59
C PRO D 58 -35.11 9.86 23.99
N ARG D 59 -33.97 10.38 24.44
CA ARG D 59 -32.87 9.49 24.81
C ARG D 59 -33.29 8.50 25.89
N ALA D 60 -34.03 8.97 26.89
CA ALA D 60 -34.33 8.12 28.05
C ALA D 60 -35.21 6.93 27.66
N ASP D 61 -36.26 7.18 26.88
CA ASP D 61 -37.17 6.10 26.52
C ASP D 61 -36.48 5.07 25.63
N TYR D 62 -35.65 5.53 24.68
CA TYR D 62 -34.93 4.58 23.84
C TYR D 62 -33.92 3.78 24.66
N ARG D 63 -33.24 4.44 25.61
CA ARG D 63 -32.31 3.72 26.46
C ARG D 63 -33.03 2.65 27.27
N ASN D 64 -34.22 2.97 27.78
CA ASN D 64 -34.98 1.99 28.54
C ASN D 64 -35.45 0.84 27.66
N ILE D 65 -35.82 1.13 26.42
CA ILE D 65 -36.21 0.07 25.49
C ILE D 65 -35.02 -0.85 25.22
N GLN D 66 -33.84 -0.26 25.03
CA GLN D 66 -32.63 -1.07 24.84
C GLN D 66 -32.36 -1.93 26.06
N ILE D 67 -32.50 -1.36 27.26
CA ILE D 67 -32.27 -2.12 28.48
C ILE D 67 -33.23 -3.30 28.54
N GLU D 68 -34.51 -3.05 28.27
CA GLU D 68 -35.49 -4.13 28.35
C GLU D 68 -35.21 -5.20 27.30
N ALA D 69 -34.77 -4.80 26.11
CA ALA D 69 -34.42 -5.78 25.09
C ALA D 69 -33.25 -6.64 25.54
N ALA D 70 -32.23 -6.00 26.12
CA ALA D 70 -31.08 -6.75 26.61
C ALA D 70 -31.50 -7.71 27.73
N LYS D 71 -32.43 -7.29 28.58
CA LYS D 71 -32.93 -8.17 29.62
C LYS D 71 -33.64 -9.37 29.01
N LYS D 72 -34.54 -9.12 28.06
CA LYS D 72 -35.25 -10.21 27.39
C LYS D 72 -34.27 -11.18 26.74
N ILE D 73 -33.16 -10.66 26.22
CA ILE D 73 -32.17 -11.53 25.57
C ILE D 73 -31.33 -12.28 26.60
N SER D 74 -31.12 -11.71 27.78
CA SER D 74 -30.27 -12.33 28.79
C SER D 74 -30.85 -13.62 29.36
N LEU D 75 -32.10 -13.95 29.05
CA LEU D 75 -32.73 -15.13 29.62
C LEU D 75 -32.46 -16.41 28.82
N ILE D 76 -31.99 -16.29 27.58
CA ILE D 76 -31.67 -17.46 26.77
C ILE D 76 -30.52 -18.20 27.42
N THR D 77 -30.70 -19.52 27.63
CA THR D 77 -29.80 -20.31 28.46
C THR D 77 -28.93 -21.25 27.64
N ASP D 78 -28.65 -20.91 26.39
CA ASP D 78 -27.83 -21.73 25.51
C ASP D 78 -26.80 -20.87 24.82
N ASN D 79 -25.95 -21.51 24.03
CA ASN D 79 -25.02 -20.78 23.16
C ASN D 79 -25.78 -19.71 22.38
N LEU D 80 -25.42 -18.46 22.61
CA LEU D 80 -26.16 -17.32 22.09
C LEU D 80 -25.26 -16.48 21.20
N ILE D 81 -25.81 -16.03 20.07
CA ILE D 81 -25.15 -15.07 19.20
C ILE D 81 -26.11 -13.91 18.98
N VAL D 82 -25.64 -12.69 19.22
CA VAL D 82 -26.46 -11.49 19.17
C VAL D 82 -26.04 -10.67 17.95
N ASP D 83 -26.90 -10.65 16.94
CA ASP D 83 -26.65 -9.86 15.74
C ASP D 83 -26.97 -8.40 16.02
N THR D 84 -25.99 -7.52 15.83
CA THR D 84 -26.17 -6.10 16.11
C THR D 84 -25.06 -5.34 15.40
N HIS D 85 -25.07 -4.01 15.57
CA HIS D 85 -24.08 -3.13 15.00
C HIS D 85 -23.27 -2.46 16.12
N MET D 86 -21.97 -2.28 15.88
CA MET D 86 -21.14 -1.57 16.84
C MET D 86 -21.32 -0.06 16.68
N SER D 87 -21.31 0.42 15.45
CA SER D 87 -21.56 1.83 15.14
C SER D 87 -22.40 1.90 13.87
N LEU D 88 -23.15 2.99 13.75
CA LEU D 88 -23.89 3.26 12.52
C LEU D 88 -23.72 4.73 12.16
N LYS D 89 -23.58 5.00 10.87
CA LYS D 89 -23.35 6.36 10.41
C LYS D 89 -24.56 7.25 10.67
N THR D 90 -24.31 8.53 10.87
CA THR D 90 -25.34 9.51 11.16
C THR D 90 -24.88 10.85 10.61
N PRO D 91 -25.80 11.74 10.21
CA PRO D 91 -25.38 13.08 9.80
C PRO D 91 -24.54 13.80 10.86
N TYR D 92 -24.57 13.31 12.11
CA TYR D 92 -23.76 13.87 13.18
C TYR D 92 -22.51 13.05 13.47
N GLY D 93 -22.27 11.98 12.72
CA GLY D 93 -21.13 11.10 12.93
C GLY D 93 -21.57 9.70 13.30
N PHE D 94 -20.57 8.84 13.54
CA PHE D 94 -20.86 7.49 13.96
C PHE D 94 -21.42 7.49 15.37
N TYR D 95 -22.46 6.69 15.59
CA TYR D 95 -23.06 6.54 16.91
C TYR D 95 -22.99 5.08 17.35
N PRO D 96 -22.65 4.81 18.60
CA PRO D 96 -22.53 3.41 19.04
C PRO D 96 -23.86 2.69 18.95
N GLY D 97 -23.81 1.43 18.50
CA GLY D 97 -24.99 0.60 18.48
C GLY D 97 -25.33 -0.01 19.83
N LEU D 98 -24.36 -0.07 20.73
CA LEU D 98 -24.55 -0.65 22.06
C LEU D 98 -24.35 0.43 23.11
N ILE D 99 -25.19 0.41 24.14
CA ILE D 99 -24.99 1.23 25.33
C ILE D 99 -24.28 0.35 26.36
N PRO D 100 -23.54 0.91 27.31
CA PRO D 100 -22.89 0.06 28.31
C PRO D 100 -23.87 -0.88 29.00
N GLU D 101 -25.11 -0.46 29.17
CA GLU D 101 -26.08 -1.26 29.91
C GLU D 101 -26.32 -2.61 29.22
N THR D 102 -26.34 -2.63 27.89
CA THR D 102 -26.65 -3.89 27.21
C THR D 102 -25.49 -4.87 27.33
N ILE D 103 -24.24 -4.39 27.26
CA ILE D 103 -23.12 -5.28 27.50
C ILE D 103 -23.13 -5.76 28.94
N ASN D 104 -23.55 -4.89 29.87
CA ASN D 104 -23.62 -5.29 31.26
C ASN D 104 -24.66 -6.39 31.47
N ILE D 105 -25.81 -6.28 30.80
CA ILE D 105 -26.92 -7.18 31.06
C ILE D 105 -26.72 -8.51 30.32
N ILE D 106 -26.38 -8.45 29.03
CA ILE D 106 -26.20 -9.67 28.26
C ILE D 106 -24.99 -10.44 28.76
N GLN D 107 -24.01 -9.76 29.34
CA GLN D 107 -22.79 -10.39 29.82
C GLN D 107 -22.14 -11.22 28.71
N PRO D 108 -21.73 -10.59 27.62
CA PRO D 108 -21.22 -11.36 26.48
C PRO D 108 -19.84 -11.93 26.76
N ASP D 109 -19.63 -13.17 26.30
CA ASP D 109 -18.29 -13.74 26.37
C ASP D 109 -17.33 -13.03 25.43
N GLY D 110 -17.81 -12.62 24.25
CA GLY D 110 -16.92 -11.95 23.33
C GLY D 110 -17.67 -11.15 22.28
N ILE D 111 -16.88 -10.48 21.44
CA ILE D 111 -17.40 -9.71 20.31
C ILE D 111 -16.69 -10.18 19.06
N ILE D 112 -17.47 -10.62 18.07
CA ILE D 112 -16.96 -11.09 16.79
C ILE D 112 -17.15 -10.00 15.75
N LEU D 113 -16.14 -9.77 14.94
CA LEU D 113 -16.12 -8.71 13.93
C LEU D 113 -15.85 -9.33 12.57
N LEU D 114 -16.83 -9.31 11.68
CA LEU D 114 -16.66 -9.76 10.31
C LEU D 114 -16.11 -8.59 9.50
N GLU D 115 -14.84 -8.67 9.08
CA GLU D 115 -14.21 -7.59 8.33
C GLU D 115 -14.10 -8.00 6.87
N PHE D 116 -14.92 -7.37 6.02
CA PHE D 116 -14.95 -7.66 4.59
C PHE D 116 -14.04 -6.71 3.82
N ASN D 117 -13.92 -6.97 2.52
CA ASN D 117 -13.25 -6.07 1.59
C ASN D 117 -14.26 -5.03 1.07
N PRO D 118 -13.90 -3.76 1.01
CA PRO D 118 -14.89 -2.75 0.56
C PRO D 118 -15.51 -3.04 -0.79
N ARG D 119 -14.75 -3.59 -1.74
CA ARG D 119 -15.31 -3.90 -3.05
C ARG D 119 -16.50 -4.86 -2.92
N ASP D 120 -16.32 -5.94 -2.15
CA ASP D 120 -17.39 -6.91 -2.00
C ASP D 120 -18.61 -6.27 -1.34
N VAL D 121 -18.39 -5.42 -0.34
CA VAL D 121 -19.51 -4.77 0.33
C VAL D 121 -20.26 -3.87 -0.63
N ILE D 122 -19.53 -3.14 -1.48
CA ILE D 122 -20.18 -2.25 -2.44
C ILE D 122 -21.00 -3.05 -3.43
N ALA D 123 -20.42 -4.12 -3.97
CA ALA D 123 -21.15 -4.96 -4.92
C ALA D 123 -22.38 -5.58 -4.28
N ARG D 124 -22.26 -5.97 -3.01
CA ARG D 124 -23.40 -6.57 -2.31
C ARG D 124 -24.51 -5.55 -2.08
N ARG D 125 -24.15 -4.33 -1.67
CA ARG D 125 -25.17 -3.31 -1.49
C ARG D 125 -25.81 -2.93 -2.82
N GLU D 126 -25.04 -2.95 -3.90
CA GLU D 126 -25.62 -2.67 -5.21
C GLU D 126 -26.59 -3.77 -5.62
N LYS D 127 -26.24 -5.03 -5.35
CA LYS D 127 -27.16 -6.13 -5.63
C LYS D 127 -28.44 -5.99 -4.81
N ASP D 128 -28.31 -5.65 -3.52
N ASP D 128 -28.31 -5.65 -3.52
CA ASP D 128 -29.48 -5.50 -2.66
CA ASP D 128 -29.49 -5.51 -2.67
C ASP D 128 -30.37 -4.35 -3.14
C ASP D 128 -30.37 -4.36 -3.14
N ARG D 129 -29.75 -3.27 -3.59
CA ARG D 129 -30.53 -2.10 -4.01
C ARG D 129 -31.51 -2.46 -5.12
N LEU D 130 -31.09 -3.29 -6.06
CA LEU D 130 -31.92 -3.63 -7.21
C LEU D 130 -32.74 -4.89 -6.93
N GLU D 140 -22.13 4.55 -0.52
CA GLU D 140 -20.87 4.81 0.17
C GLU D 140 -19.68 4.42 -0.71
N SER D 141 -18.53 5.00 -0.42
CA SER D 141 -17.30 4.71 -1.15
C SER D 141 -16.59 3.51 -0.51
N GLU D 142 -15.48 3.10 -1.11
CA GLU D 142 -14.63 2.08 -0.48
C GLU D 142 -13.91 2.66 0.72
N THR D 143 -13.40 3.89 0.59
CA THR D 143 -12.76 4.55 1.73
C THR D 143 -13.74 4.71 2.89
N ASP D 144 -15.00 5.02 2.57
CA ASP D 144 -16.01 5.16 3.62
C ASP D 144 -16.23 3.85 4.36
N ILE D 145 -16.33 2.74 3.64
CA ILE D 145 -16.56 1.46 4.28
C ILE D 145 -15.33 1.02 5.07
N LEU D 146 -14.14 1.33 4.57
CA LEU D 146 -12.93 1.01 5.34
C LEU D 146 -12.88 1.83 6.63
N LEU D 147 -13.27 3.10 6.55
CA LEU D 147 -13.38 3.93 7.75
C LEU D 147 -14.37 3.33 8.73
N HIS D 148 -15.52 2.89 8.24
CA HIS D 148 -16.53 2.30 9.11
C HIS D 148 -16.00 1.04 9.78
N GLN D 149 -15.28 0.20 9.03
CA GLN D 149 -14.74 -1.03 9.61
C GLN D 149 -13.68 -0.73 10.66
N GLN D 150 -12.80 0.26 10.39
CA GLN D 150 -11.79 0.61 11.39
C GLN D 150 -12.43 1.20 12.64
N VAL D 151 -13.47 2.01 12.47
CA VAL D 151 -14.18 2.55 13.63
C VAL D 151 -14.83 1.42 14.42
N ASN D 152 -15.40 0.44 13.72
CA ASN D 152 -15.98 -0.70 14.42
C ASN D 152 -14.93 -1.47 15.21
N ARG D 153 -13.74 -1.66 14.61
CA ARG D 153 -12.66 -2.34 15.33
C ARG D 153 -12.27 -1.57 16.58
N MET D 154 -12.16 -0.25 16.47
CA MET D 154 -11.82 0.55 17.65
C MET D 154 -12.90 0.45 18.72
N PHE D 155 -14.17 0.52 18.32
CA PHE D 155 -15.27 0.35 19.28
C PHE D 155 -15.16 -0.98 19.99
N ALA D 156 -14.89 -2.06 19.23
CA ALA D 156 -14.81 -3.38 19.85
C ALA D 156 -13.64 -3.46 20.83
N VAL D 157 -12.49 -2.92 20.44
CA VAL D 157 -11.34 -2.97 21.35
C VAL D 157 -11.62 -2.16 22.61
N SER D 158 -12.35 -1.04 22.48
CA SER D 158 -12.68 -0.24 23.64
C SER D 158 -13.63 -0.98 24.57
N TYR D 159 -14.67 -1.58 24.01
CA TYR D 159 -15.59 -2.37 24.82
C TYR D 159 -14.87 -3.54 25.48
N SER D 160 -13.84 -4.07 24.82
CA SER D 160 -13.06 -5.16 25.42
C SER D 160 -12.24 -4.65 26.60
N ALA D 161 -11.49 -3.57 26.41
CA ALA D 161 -10.71 -3.00 27.49
C ALA D 161 -11.61 -2.55 28.65
N ILE D 162 -12.87 -2.24 28.37
CA ILE D 162 -13.76 -1.75 29.42
C ILE D 162 -14.39 -2.91 30.17
N ASN D 163 -14.90 -3.92 29.46
CA ASN D 163 -15.63 -5.01 30.07
C ASN D 163 -14.81 -6.29 30.21
N GLN D 164 -13.57 -6.30 29.75
CA GLN D 164 -12.69 -7.46 29.87
C GLN D 164 -13.31 -8.68 29.21
N CYS D 165 -13.48 -8.60 27.89
CA CYS D 165 -14.03 -9.69 27.09
C CYS D 165 -13.12 -9.94 25.90
N TYR D 166 -13.47 -10.94 25.10
CA TYR D 166 -12.68 -11.32 23.94
C TYR D 166 -13.07 -10.50 22.72
N VAL D 167 -12.10 -10.31 21.83
CA VAL D 167 -12.33 -9.67 20.54
C VAL D 167 -11.83 -10.62 19.46
N LYS D 168 -12.77 -11.18 18.69
CA LYS D 168 -12.45 -12.04 17.57
C LYS D 168 -12.64 -11.26 16.28
N ILE D 169 -11.66 -11.34 15.38
CA ILE D 169 -11.71 -10.64 14.10
C ILE D 169 -11.63 -11.69 13.00
N ILE D 170 -12.74 -11.90 12.30
CA ILE D 170 -12.81 -12.84 11.20
C ILE D 170 -12.56 -12.07 9.92
N ASP D 171 -11.42 -12.36 9.27
CA ASP D 171 -11.02 -11.68 8.05
C ASP D 171 -11.68 -12.36 6.85
N LEU D 172 -12.51 -11.60 6.14
CA LEU D 172 -13.16 -12.07 4.92
C LEU D 172 -12.82 -11.14 3.76
N THR D 173 -11.62 -10.57 3.77
CA THR D 173 -11.18 -9.65 2.73
C THR D 173 -10.50 -10.38 1.56
N TRP D 174 -10.10 -11.63 1.74
CA TRP D 174 -9.54 -12.40 0.64
C TRP D 174 -10.62 -12.67 -0.41
N PRO D 175 -10.22 -12.82 -1.67
CA PRO D 175 -11.23 -12.98 -2.74
C PRO D 175 -11.93 -14.32 -2.65
N GLN D 176 -13.24 -14.31 -2.90
CA GLN D 176 -14.01 -15.54 -2.94
C GLN D 176 -13.66 -16.32 -4.21
N GLU D 177 -13.30 -17.59 -4.02
CA GLU D 177 -13.12 -18.48 -5.17
C GLU D 177 -14.46 -18.93 -5.73
N TYR D 178 -15.46 -19.12 -4.86
CA TYR D 178 -16.82 -19.42 -5.28
C TYR D 178 -17.77 -18.56 -4.47
N GLU D 179 -18.89 -18.20 -5.11
CA GLU D 179 -19.86 -17.29 -4.49
C GLU D 179 -20.26 -17.80 -3.10
N PHE D 180 -20.27 -16.89 -2.14
CA PHE D 180 -20.69 -17.16 -0.77
C PHE D 180 -19.70 -18.07 -0.04
N GLN D 181 -18.41 -17.96 -0.35
CA GLN D 181 -17.39 -18.67 0.41
C GLN D 181 -17.14 -17.98 1.75
N HIS D 182 -17.20 -16.64 1.77
CA HIS D 182 -17.06 -15.90 3.01
C HIS D 182 -18.05 -16.38 4.06
N THR D 183 -19.31 -16.56 3.67
CA THR D 183 -20.35 -16.91 4.63
C THR D 183 -20.05 -18.24 5.30
N GLU D 184 -19.76 -19.29 4.52
CA GLU D 184 -19.51 -20.58 5.11
C GLU D 184 -18.20 -20.60 5.88
N TYR D 185 -17.18 -19.87 5.41
CA TYR D 185 -15.94 -19.77 6.16
C TYR D 185 -16.18 -19.18 7.55
N ALA D 186 -16.92 -18.08 7.61
CA ALA D 186 -17.22 -17.46 8.90
C ALA D 186 -18.09 -18.36 9.75
N VAL D 187 -19.05 -19.05 9.13
CA VAL D 187 -19.92 -19.95 9.89
C VAL D 187 -19.09 -21.05 10.54
N ASN D 188 -18.19 -21.67 9.76
CA ASN D 188 -17.37 -22.75 10.30
C ASN D 188 -16.44 -22.22 11.39
N LYS D 189 -15.88 -21.03 11.20
CA LYS D 189 -15.02 -20.46 12.24
C LYS D 189 -15.79 -20.25 13.54
N ILE D 190 -16.97 -19.65 13.45
CA ILE D 190 -17.76 -19.39 14.66
C ILE D 190 -18.19 -20.70 15.31
N ILE D 191 -18.48 -21.72 14.50
CA ILE D 191 -18.89 -23.01 15.07
C ILE D 191 -17.73 -23.66 15.81
N GLU D 192 -16.56 -23.74 15.15
CA GLU D 192 -15.39 -24.28 15.83
C GLU D 192 -15.08 -23.49 17.09
N MET D 193 -15.36 -22.18 17.09
CA MET D 193 -15.14 -21.39 18.29
C MET D 193 -16.09 -21.78 19.40
N LEU D 194 -17.39 -21.90 19.08
CA LEU D 194 -18.36 -22.32 20.08
C LEU D 194 -18.13 -23.76 20.54
N ASN D 195 -17.43 -24.57 19.75
CA ASN D 195 -17.13 -25.96 20.10
C ASN D 195 -15.62 -26.07 20.29
N PHE D 196 -15.17 -25.86 21.52
CA PHE D 196 -13.75 -25.90 21.85
C PHE D 196 -13.54 -26.46 23.25
N MET E 1 9.49 7.75 37.33
CA MET E 1 8.19 7.49 36.66
C MET E 1 7.96 6.00 36.47
N ARG E 2 6.78 5.65 35.95
CA ARG E 2 6.38 4.25 35.78
C ARG E 2 5.81 4.04 34.39
N PHE E 3 6.29 3.00 33.72
CA PHE E 3 5.88 2.72 32.35
C PHE E 3 5.66 1.22 32.16
N ILE E 4 4.65 0.91 31.36
CA ILE E 4 4.30 -0.47 31.03
C ILE E 4 4.88 -0.76 29.65
N LEU E 5 5.92 -1.58 29.60
CA LEU E 5 6.55 -1.95 28.33
C LEU E 5 5.82 -3.15 27.74
N THR E 6 5.39 -3.03 26.48
CA THR E 6 4.62 -4.09 25.84
C THR E 6 5.04 -4.23 24.39
N GLY E 7 4.68 -5.38 23.82
CA GLY E 7 4.97 -5.72 22.44
C GLY E 7 4.62 -7.17 22.16
N VAL E 8 4.45 -7.53 20.90
CA VAL E 8 4.11 -8.91 20.55
C VAL E 8 5.25 -9.80 21.03
N PRO E 9 4.96 -11.04 21.45
CA PRO E 9 6.02 -11.88 22.00
C PRO E 9 7.02 -12.34 20.94
N GLY E 10 8.24 -12.59 21.39
CA GLY E 10 9.26 -13.12 20.51
C GLY E 10 9.83 -12.12 19.53
N ALA E 11 9.97 -10.86 19.94
CA ALA E 11 10.50 -9.82 19.08
C ALA E 11 11.74 -9.15 19.62
N GLY E 12 12.07 -9.34 20.90
CA GLY E 12 13.24 -8.73 21.49
C GLY E 12 12.91 -7.86 22.68
N LYS E 13 11.73 -8.09 23.26
CA LYS E 13 11.30 -7.28 24.41
C LYS E 13 12.12 -7.60 25.64
N THR E 14 12.38 -8.88 25.96
CA THR E 14 13.18 -9.26 27.11
C THR E 14 14.62 -8.77 26.98
N THR E 15 15.11 -8.75 25.72
CA THR E 15 16.45 -8.22 25.50
C THR E 15 16.50 -6.74 25.84
N VAL E 16 15.51 -5.98 25.38
CA VAL E 16 15.43 -4.56 25.74
C VAL E 16 15.38 -4.42 27.25
N CYS E 17 14.59 -5.25 27.92
CA CYS E 17 14.47 -5.16 29.38
C CYS E 17 15.82 -5.40 30.05
N ASN E 18 16.52 -6.45 29.63
CA ASN E 18 17.79 -6.77 30.28
C ASN E 18 18.83 -5.69 30.03
N LYS E 19 18.89 -5.16 28.80
CA LYS E 19 19.87 -4.11 28.53
C LYS E 19 19.52 -2.83 29.28
N LEU E 20 18.23 -2.53 29.42
CA LEU E 20 17.82 -1.40 30.26
C LEU E 20 18.26 -1.60 31.70
N ALA E 21 18.08 -2.82 32.22
CA ALA E 21 18.50 -3.09 33.59
C ALA E 21 20.00 -2.90 33.76
N GLU E 22 20.79 -3.33 32.77
CA GLU E 22 22.23 -3.22 32.90
C GLU E 22 22.76 -1.82 32.63
N LYS E 23 22.01 -0.98 31.92
CA LYS E 23 22.52 0.35 31.56
C LYS E 23 22.17 1.42 32.60
N MET E 24 20.95 1.43 33.12
CA MET E 24 20.53 2.44 34.08
C MET E 24 20.47 1.85 35.47
N SER E 25 21.07 2.54 36.43
CA SER E 25 21.15 2.05 37.81
C SER E 25 19.93 2.44 38.63
N ASN E 26 19.35 3.61 38.39
CA ASN E 26 18.13 4.04 39.07
C ASN E 26 16.87 3.48 38.42
N LEU E 27 16.91 2.23 37.97
CA LEU E 27 15.83 1.63 37.21
C LEU E 27 15.57 0.23 37.72
N SER E 28 14.29 -0.12 37.82
CA SER E 28 13.86 -1.47 38.17
C SER E 28 12.98 -2.00 37.05
N VAL E 29 13.43 -3.09 36.43
CA VAL E 29 12.73 -3.73 35.32
C VAL E 29 12.14 -5.02 35.85
N VAL E 30 10.82 -5.11 35.89
CA VAL E 30 10.13 -6.28 36.40
C VAL E 30 9.35 -6.92 35.26
N ASN E 31 9.04 -8.21 35.43
CA ASN E 31 8.26 -8.98 34.46
C ASN E 31 7.01 -9.47 35.16
N TYR E 32 5.85 -8.93 34.76
CA TYR E 32 4.61 -9.24 35.45
C TYR E 32 4.37 -10.75 35.53
N GLY E 33 4.59 -11.46 34.43
CA GLY E 33 4.37 -12.89 34.44
C GLY E 33 5.26 -13.62 35.44
N ASP E 34 6.53 -13.22 35.52
CA ASP E 34 7.44 -13.88 36.45
C ASP E 34 7.02 -13.63 37.90
N VAL E 35 6.58 -12.41 38.22
CA VAL E 35 6.12 -12.14 39.57
C VAL E 35 4.87 -12.94 39.87
N ILE E 36 3.96 -13.04 38.92
CA ILE E 36 2.77 -13.87 39.09
C ILE E 36 3.19 -15.31 39.41
N PHE E 37 4.11 -15.86 38.62
CA PHE E 37 4.57 -17.22 38.85
C PHE E 37 5.19 -17.36 40.23
N GLU E 38 6.03 -16.41 40.65
CA GLU E 38 6.69 -16.52 41.93
C GLU E 38 5.68 -16.52 43.08
N GLU E 39 4.76 -15.56 43.07
CA GLU E 39 3.78 -15.48 44.16
C GLU E 39 2.86 -16.69 44.13
N ALA E 40 2.54 -17.22 42.95
CA ALA E 40 1.68 -18.40 42.88
C ALA E 40 2.37 -19.61 43.44
N LYS E 41 3.63 -19.84 43.06
CA LYS E 41 4.39 -20.96 43.62
C LYS E 41 4.58 -20.79 45.12
N LYS E 42 4.66 -19.55 45.60
CA LYS E 42 4.75 -19.31 47.03
C LYS E 42 3.47 -19.74 47.74
N LEU E 43 2.32 -19.24 47.29
CA LEU E 43 1.08 -19.50 48.00
C LEU E 43 0.45 -20.84 47.65
N TYR E 44 0.80 -21.43 46.50
CA TYR E 44 0.24 -22.72 46.07
C TYR E 44 1.36 -23.57 45.48
N PRO E 45 2.30 -24.03 46.31
CA PRO E 45 3.40 -24.85 45.80
C PRO E 45 2.98 -26.25 45.37
N SER E 46 1.78 -26.70 45.74
CA SER E 46 1.37 -28.06 45.44
C SER E 46 1.07 -28.26 43.96
N ILE E 47 0.57 -27.24 43.28
CA ILE E 47 0.12 -27.37 41.89
C ILE E 47 0.85 -26.44 40.95
N ILE E 48 1.55 -25.42 41.45
CA ILE E 48 2.26 -24.47 40.60
C ILE E 48 3.75 -24.78 40.73
N GLN E 49 4.30 -25.46 39.73
CA GLN E 49 5.73 -25.76 39.66
C GLN E 49 6.40 -25.16 38.44
N VAL E 50 5.73 -25.16 37.29
CA VAL E 50 6.21 -24.49 36.09
C VAL E 50 5.34 -23.25 35.86
N ARG E 51 5.83 -22.36 35.01
CA ARG E 51 5.09 -21.13 34.72
C ARG E 51 3.80 -21.42 33.96
N GLU E 52 3.69 -22.58 33.31
CA GLU E 52 2.48 -22.94 32.58
C GLU E 52 1.40 -23.54 33.46
N ASP E 53 1.72 -23.88 34.72
CA ASP E 53 0.73 -24.44 35.63
C ASP E 53 -0.28 -23.40 36.10
N THR E 54 -0.03 -22.11 35.85
CA THR E 54 -0.94 -21.08 36.35
C THR E 54 -2.37 -21.28 35.86
N ARG E 55 -2.54 -21.97 34.73
CA ARG E 55 -3.88 -22.19 34.19
C ARG E 55 -4.72 -23.12 35.05
N LYS E 56 -4.11 -23.83 35.99
CA LYS E 56 -4.88 -24.71 36.87
C LYS E 56 -5.63 -23.92 37.94
N LEU E 57 -5.06 -22.81 38.40
CA LEU E 57 -5.69 -22.04 39.46
C LEU E 57 -7.10 -21.64 39.06
N PRO E 58 -8.11 -21.84 39.91
CA PRO E 58 -9.41 -21.23 39.63
C PRO E 58 -9.30 -19.73 39.66
N ARG E 59 -10.05 -19.06 38.78
CA ARG E 59 -9.84 -17.63 38.57
C ARG E 59 -9.90 -16.85 39.87
N ALA E 60 -10.64 -17.36 40.86
CA ALA E 60 -10.66 -16.70 42.17
C ALA E 60 -9.26 -16.56 42.74
N ASP E 61 -8.36 -17.48 42.40
CA ASP E 61 -6.98 -17.43 42.87
C ASP E 61 -6.10 -16.59 41.97
N TYR E 62 -6.21 -16.78 40.65
CA TYR E 62 -5.38 -16.02 39.73
C TYR E 62 -5.63 -14.53 39.86
N ARG E 63 -6.89 -14.15 40.13
CA ARG E 63 -7.21 -12.73 40.34
C ARG E 63 -6.33 -12.12 41.42
N ASN E 64 -6.48 -12.62 42.66
CA ASN E 64 -5.76 -12.00 43.75
C ASN E 64 -4.26 -12.29 43.68
N ILE E 65 -3.83 -13.30 42.93
CA ILE E 65 -2.39 -13.47 42.71
C ILE E 65 -1.86 -12.35 41.83
N GLN E 66 -2.57 -12.04 40.75
CA GLN E 66 -2.21 -10.87 39.95
C GLN E 66 -2.20 -9.61 40.81
N ILE E 67 -3.21 -9.46 41.67
CA ILE E 67 -3.31 -8.25 42.48
C ILE E 67 -2.15 -8.15 43.47
N GLU E 68 -1.81 -9.26 44.13
CA GLU E 68 -0.68 -9.26 45.04
C GLU E 68 0.62 -8.97 44.31
N ALA E 69 0.77 -9.52 43.10
CA ALA E 69 1.95 -9.20 42.30
C ALA E 69 2.02 -7.71 42.02
N ALA E 70 0.90 -7.12 41.61
CA ALA E 70 0.89 -5.68 41.32
C ALA E 70 1.22 -4.87 42.56
N LYS E 71 0.73 -5.30 43.72
CA LYS E 71 1.06 -4.59 44.96
C LYS E 71 2.54 -4.69 45.27
N LYS E 72 3.08 -5.91 45.26
CA LYS E 72 4.51 -6.10 45.47
C LYS E 72 5.34 -5.24 44.52
N ILE E 73 4.89 -5.11 43.28
CA ILE E 73 5.61 -4.28 42.31
C ILE E 73 5.48 -2.81 42.70
N SER E 74 4.28 -2.38 43.13
CA SER E 74 4.08 -0.99 43.50
C SER E 74 4.94 -0.57 44.68
N LEU E 75 5.52 -1.52 45.41
CA LEU E 75 6.41 -1.19 46.52
C LEU E 75 7.69 -0.52 46.05
N ILE E 76 8.02 -0.62 44.75
CA ILE E 76 9.26 -0.05 44.25
C ILE E 76 9.16 1.48 44.28
N THR E 77 10.31 2.12 44.50
CA THR E 77 10.38 3.58 44.63
C THR E 77 11.07 4.26 43.45
N ASP E 78 12.02 3.59 42.81
CA ASP E 78 12.74 4.18 41.69
C ASP E 78 11.91 4.09 40.42
N ASN E 79 12.48 4.54 39.31
CA ASN E 79 11.84 4.37 38.01
C ASN E 79 11.54 2.90 37.79
N LEU E 80 10.33 2.61 37.30
CA LEU E 80 9.87 1.24 37.12
C LEU E 80 9.47 1.01 35.67
N ILE E 81 9.89 -0.12 35.13
CA ILE E 81 9.42 -0.58 33.82
C ILE E 81 8.89 -2.00 33.99
N VAL E 82 7.60 -2.18 33.67
CA VAL E 82 6.92 -3.46 33.82
C VAL E 82 6.74 -4.06 32.44
N ASP E 83 7.39 -5.18 32.19
CA ASP E 83 7.30 -5.90 30.92
C ASP E 83 6.09 -6.84 31.00
N THR E 84 5.00 -6.45 30.37
CA THR E 84 3.81 -7.29 30.28
C THR E 84 3.30 -7.32 28.86
N HIS E 85 2.15 -7.95 28.64
CA HIS E 85 1.54 -8.06 27.33
C HIS E 85 0.23 -7.28 27.30
N MET E 86 0.01 -6.55 26.22
CA MET E 86 -1.21 -5.75 26.10
C MET E 86 -2.42 -6.64 25.78
N SER E 87 -2.24 -7.63 24.91
CA SER E 87 -3.33 -8.54 24.55
C SER E 87 -2.77 -9.94 24.35
N LEU E 88 -3.60 -10.94 24.67
CA LEU E 88 -3.26 -12.34 24.49
C LEU E 88 -4.22 -12.94 23.48
N LYS E 89 -3.68 -13.60 22.46
CA LYS E 89 -4.53 -14.23 21.45
C LYS E 89 -4.99 -15.59 21.94
N THR E 90 -6.24 -15.94 21.62
CA THR E 90 -6.87 -17.16 22.07
C THR E 90 -7.77 -17.68 20.95
N PRO E 91 -8.22 -18.93 21.00
CA PRO E 91 -9.21 -19.39 20.02
C PRO E 91 -10.47 -18.56 20.03
N TYR E 92 -10.71 -17.78 21.08
CA TYR E 92 -11.88 -16.91 21.18
C TYR E 92 -11.59 -15.48 20.78
N GLY E 93 -10.37 -15.17 20.34
CA GLY E 93 -10.02 -13.82 19.95
C GLY E 93 -8.96 -13.21 20.86
N PHE E 94 -8.83 -11.88 20.83
CA PHE E 94 -7.88 -11.20 21.69
C PHE E 94 -8.51 -10.91 23.03
N TYR E 95 -7.74 -11.13 24.10
CA TYR E 95 -8.18 -10.85 25.45
C TYR E 95 -7.24 -9.84 26.10
N PRO E 96 -7.77 -8.87 26.85
CA PRO E 96 -6.89 -7.88 27.49
C PRO E 96 -5.80 -8.55 28.32
N GLY E 97 -4.61 -7.96 28.29
CA GLY E 97 -3.50 -8.46 29.06
C GLY E 97 -3.37 -7.77 30.41
N LEU E 98 -3.97 -6.59 30.53
CA LEU E 98 -3.94 -5.81 31.75
C LEU E 98 -5.36 -5.72 32.32
N ILE E 99 -5.53 -6.23 33.53
CA ILE E 99 -6.80 -6.04 34.25
C ILE E 99 -6.80 -4.62 34.81
N PRO E 100 -7.95 -3.97 34.93
CA PRO E 100 -7.94 -2.60 35.49
C PRO E 100 -7.30 -2.49 36.85
N GLU E 101 -7.35 -3.54 37.66
CA GLU E 101 -6.76 -3.47 39.00
C GLU E 101 -5.25 -3.32 38.92
N THR E 102 -4.61 -3.95 37.93
CA THR E 102 -3.17 -3.80 37.77
C THR E 102 -2.79 -2.34 37.52
N ILE E 103 -3.52 -1.69 36.60
CA ILE E 103 -3.23 -0.29 36.29
C ILE E 103 -3.57 0.61 37.48
N ASN E 104 -4.63 0.27 38.22
CA ASN E 104 -4.98 1.07 39.39
C ASN E 104 -3.91 0.98 40.47
N ILE E 105 -3.35 -0.22 40.68
CA ILE E 105 -2.39 -0.41 41.75
C ILE E 105 -1.02 0.15 41.36
N ILE E 106 -0.49 -0.30 40.22
CA ILE E 106 0.82 0.19 39.80
C ILE E 106 0.75 1.68 39.48
N GLN E 107 -0.39 2.16 39.02
CA GLN E 107 -0.57 3.56 38.64
C GLN E 107 0.59 4.03 37.77
N PRO E 108 0.75 3.45 36.58
CA PRO E 108 1.87 3.82 35.72
C PRO E 108 1.68 5.16 35.06
N ASP E 109 2.82 5.78 34.71
CA ASP E 109 2.77 7.06 34.01
C ASP E 109 2.46 6.87 32.53
N GLY E 110 3.02 5.82 31.90
CA GLY E 110 2.81 5.65 30.48
C GLY E 110 2.82 4.19 30.06
N ILE E 111 2.51 3.99 28.78
CA ILE E 111 2.55 2.67 28.14
C ILE E 111 3.44 2.77 26.92
N ILE E 112 4.55 2.03 26.92
CA ILE E 112 5.46 1.97 25.79
C ILE E 112 5.10 0.75 24.96
N LEU E 113 4.97 0.95 23.64
CA LEU E 113 4.58 -0.11 22.71
C LEU E 113 5.69 -0.26 21.68
N LEU E 114 6.36 -1.41 21.68
CA LEU E 114 7.42 -1.70 20.71
C LEU E 114 6.78 -2.33 19.48
N GLU E 115 6.70 -1.57 18.38
CA GLU E 115 6.02 -2.04 17.16
C GLU E 115 7.08 -2.46 16.14
N PHE E 116 7.18 -3.77 15.90
CA PHE E 116 8.17 -4.34 15.00
C PHE E 116 7.56 -4.61 13.62
N ASN E 117 8.39 -5.14 12.72
CA ASN E 117 7.95 -5.64 11.42
C ASN E 117 7.68 -7.14 11.51
N PRO E 118 6.56 -7.64 10.98
CA PRO E 118 6.25 -9.07 11.15
C PRO E 118 7.37 -10.01 10.73
N ARG E 119 8.09 -9.68 9.65
CA ARG E 119 9.19 -10.53 9.22
C ARG E 119 10.21 -10.71 10.34
N ASP E 120 10.63 -9.59 10.96
CA ASP E 120 11.60 -9.69 12.04
C ASP E 120 11.06 -10.52 13.20
N VAL E 121 9.76 -10.37 13.50
CA VAL E 121 9.16 -11.14 14.59
C VAL E 121 9.28 -12.63 14.30
N ILE E 122 8.84 -13.06 13.11
CA ILE E 122 8.98 -14.45 12.72
C ILE E 122 10.43 -14.90 12.84
N ALA E 123 11.34 -14.05 12.34
CA ALA E 123 12.76 -14.40 12.31
C ALA E 123 13.27 -14.72 13.71
N ARG E 124 13.13 -13.78 14.65
CA ARG E 124 13.66 -14.04 15.98
C ARG E 124 12.86 -15.09 16.72
N ARG E 125 11.57 -15.25 16.43
CA ARG E 125 10.82 -16.34 17.05
C ARG E 125 11.46 -17.69 16.71
N GLU E 126 11.65 -17.95 15.42
CA GLU E 126 12.26 -19.23 15.05
C GLU E 126 13.74 -19.27 15.44
N LYS E 127 14.41 -18.13 15.54
CA LYS E 127 15.80 -18.11 16.00
C LYS E 127 15.90 -18.60 17.43
N ASP E 128 15.16 -17.96 18.35
N ASP E 128 15.17 -17.95 18.34
CA ASP E 128 15.18 -18.39 19.74
CA ASP E 128 15.16 -18.38 19.74
C ASP E 128 14.53 -19.75 19.92
C ASP E 128 14.52 -19.74 19.92
N ARG E 129 13.75 -20.20 18.94
CA ARG E 129 13.33 -21.61 18.92
C ARG E 129 14.54 -22.50 18.66
N LEU E 130 15.40 -22.10 17.73
CA LEU E 130 16.65 -22.83 17.48
C LEU E 130 17.60 -22.74 18.66
N ALA E 131 17.46 -21.73 19.52
CA ALA E 131 18.31 -21.59 20.70
C ALA E 131 17.83 -22.45 21.86
N GLY E 132 16.88 -23.35 21.64
CA GLY E 132 16.43 -24.27 22.66
C GLY E 132 15.52 -23.67 23.71
N LYS E 133 15.10 -22.42 23.55
CA LYS E 133 14.23 -21.79 24.55
C LYS E 133 12.81 -22.34 24.46
N ARG E 134 12.20 -22.28 23.29
CA ARG E 134 10.84 -22.76 23.09
C ARG E 134 10.85 -24.21 22.62
N VAL E 135 9.75 -24.90 22.90
CA VAL E 135 9.62 -26.30 22.47
C VAL E 135 8.91 -26.43 21.12
N THR E 136 8.14 -25.42 20.70
CA THR E 136 7.33 -25.49 19.50
C THR E 136 7.76 -24.40 18.52
N ARG E 137 7.72 -24.74 17.23
CA ARG E 137 7.93 -23.75 16.17
C ARG E 137 6.63 -22.98 15.96
N ASP E 138 6.73 -21.65 16.01
CA ASP E 138 5.54 -20.82 15.91
C ASP E 138 5.03 -20.82 14.47
N MET E 139 3.73 -20.53 14.33
CA MET E 139 3.04 -20.70 13.06
C MET E 139 2.23 -19.47 12.65
N GLU E 140 2.50 -18.31 13.26
CA GLU E 140 1.73 -17.11 12.97
C GLU E 140 2.22 -16.45 11.69
N SER E 141 1.28 -15.91 10.92
CA SER E 141 1.59 -15.25 9.66
C SER E 141 1.83 -13.76 9.87
N GLU E 142 2.49 -13.14 8.90
CA GLU E 142 2.79 -11.72 9.00
C GLU E 142 1.54 -10.91 9.29
N THR E 143 0.42 -11.25 8.65
CA THR E 143 -0.81 -10.50 8.89
C THR E 143 -1.35 -10.74 10.28
N ASP E 144 -1.17 -11.93 10.85
CA ASP E 144 -1.55 -12.15 12.24
C ASP E 144 -0.73 -11.25 13.17
N ILE E 145 0.57 -11.13 12.90
CA ILE E 145 1.41 -10.26 13.72
C ILE E 145 0.93 -8.81 13.60
N LEU E 146 0.63 -8.37 12.37
CA LEU E 146 0.19 -7.00 12.17
C LEU E 146 -1.14 -6.74 12.86
N LEU E 147 -2.06 -7.70 12.78
CA LEU E 147 -3.34 -7.57 13.49
C LEU E 147 -3.11 -7.48 14.99
N HIS E 148 -2.22 -8.32 15.52
CA HIS E 148 -1.93 -8.28 16.95
C HIS E 148 -1.41 -6.91 17.35
N GLN E 149 -0.49 -6.34 16.57
CA GLN E 149 0.08 -5.05 16.93
C GLN E 149 -0.96 -3.93 16.83
N GLN E 150 -1.81 -3.96 15.81
CA GLN E 150 -2.85 -2.95 15.71
C GLN E 150 -3.81 -3.03 16.89
N VAL E 151 -4.21 -4.25 17.27
CA VAL E 151 -5.12 -4.41 18.40
C VAL E 151 -4.44 -3.94 19.68
N ASN E 152 -3.14 -4.20 19.83
CA ASN E 152 -2.43 -3.74 21.02
C ASN E 152 -2.39 -2.22 21.07
N ARG E 153 -2.16 -1.57 19.93
CA ARG E 153 -2.18 -0.10 19.90
C ARG E 153 -3.55 0.43 20.32
N MET E 154 -4.62 -0.18 19.82
CA MET E 154 -5.96 0.27 20.19
C MET E 154 -6.22 0.04 21.68
N PHE E 155 -5.78 -1.10 22.21
CA PHE E 155 -5.93 -1.35 23.64
C PHE E 155 -5.19 -0.30 24.46
N ALA E 156 -3.97 0.05 24.04
CA ALA E 156 -3.21 1.05 24.78
C ALA E 156 -3.91 2.40 24.77
N VAL E 157 -4.45 2.80 23.61
CA VAL E 157 -5.16 4.07 23.55
C VAL E 157 -6.42 4.03 24.43
N SER E 158 -7.09 2.87 24.47
CA SER E 158 -8.27 2.74 25.32
C SER E 158 -7.89 2.89 26.80
N TYR E 159 -6.85 2.19 27.23
CA TYR E 159 -6.39 2.32 28.60
C TYR E 159 -5.98 3.75 28.91
N SER E 160 -5.39 4.46 27.94
CA SER E 160 -5.02 5.85 28.16
C SER E 160 -6.24 6.72 28.35
N ALA E 161 -7.24 6.58 27.47
CA ALA E 161 -8.48 7.33 27.64
C ALA E 161 -9.16 7.02 28.97
N ILE E 162 -9.00 5.78 29.46
CA ILE E 162 -9.65 5.40 30.70
C ILE E 162 -8.91 5.95 31.92
N ASN E 163 -7.58 5.94 31.88
CA ASN E 163 -6.77 6.22 33.06
C ASN E 163 -5.90 7.46 32.93
N GLN E 164 -5.88 8.11 31.76
CA GLN E 164 -5.15 9.37 31.60
C GLN E 164 -3.65 9.16 31.72
N CYS E 165 -3.04 8.49 30.74
CA CYS E 165 -1.62 8.17 30.79
C CYS E 165 -1.01 8.35 29.40
N TYR E 166 0.32 8.39 29.36
CA TYR E 166 1.03 8.55 28.10
C TYR E 166 0.97 7.26 27.29
N VAL E 167 1.12 7.41 25.97
CA VAL E 167 1.23 6.28 25.05
C VAL E 167 2.41 6.56 24.13
N LYS E 168 3.50 5.82 24.34
CA LYS E 168 4.76 6.02 23.60
C LYS E 168 4.91 4.85 22.63
N ILE E 169 4.65 5.10 21.35
CA ILE E 169 4.76 4.09 20.32
C ILE E 169 6.15 4.17 19.72
N ILE E 170 6.99 3.18 20.03
CA ILE E 170 8.36 3.12 19.53
C ILE E 170 8.37 2.24 18.28
N ASP E 171 8.75 2.84 17.16
CA ASP E 171 8.79 2.17 15.86
C ASP E 171 10.11 1.44 15.70
N LEU E 172 10.04 0.14 15.39
CA LEU E 172 11.19 -0.68 15.08
C LEU E 172 10.92 -1.49 13.81
N THR E 173 10.18 -0.91 12.87
CA THR E 173 9.82 -1.59 11.64
C THR E 173 10.86 -1.41 10.54
N TRP E 174 11.72 -0.40 10.65
CA TRP E 174 12.77 -0.20 9.68
C TRP E 174 13.74 -1.38 9.69
N PRO E 175 14.46 -1.60 8.59
CA PRO E 175 15.39 -2.74 8.53
C PRO E 175 16.67 -2.46 9.29
N GLN E 176 17.19 -3.51 9.93
CA GLN E 176 18.39 -3.39 10.74
C GLN E 176 19.64 -3.34 9.87
N GLU E 177 20.52 -2.39 10.15
CA GLU E 177 21.85 -2.37 9.55
C GLU E 177 22.65 -3.54 10.10
N TYR E 178 23.03 -3.46 11.37
CA TYR E 178 23.69 -4.54 12.09
C TYR E 178 22.70 -5.21 13.03
N GLU E 179 23.05 -6.43 13.47
CA GLU E 179 22.16 -7.18 14.34
C GLU E 179 22.07 -6.52 15.71
N PHE E 180 20.90 -6.68 16.33
CA PHE E 180 20.63 -6.09 17.65
C PHE E 180 20.72 -4.58 17.62
N GLN E 181 20.23 -3.97 16.54
CA GLN E 181 20.14 -2.52 16.46
C GLN E 181 18.80 -2.00 16.94
N HIS E 182 17.72 -2.75 16.70
CA HIS E 182 16.42 -2.37 17.23
C HIS E 182 16.46 -2.26 18.74
N THR E 183 17.10 -3.23 19.41
CA THR E 183 17.20 -3.18 20.86
C THR E 183 18.00 -1.96 21.32
N GLU E 184 19.09 -1.65 20.61
CA GLU E 184 19.87 -0.47 20.94
C GLU E 184 19.01 0.79 20.84
N TYR E 185 18.31 0.95 19.72
CA TYR E 185 17.46 2.11 19.51
C TYR E 185 16.42 2.23 20.62
N ALA E 186 15.72 1.13 20.91
CA ALA E 186 14.67 1.16 21.91
C ALA E 186 15.21 1.50 23.28
N VAL E 187 16.30 0.82 23.69
CA VAL E 187 16.87 1.06 25.01
C VAL E 187 17.32 2.51 25.14
N ASN E 188 18.00 3.03 24.11
CA ASN E 188 18.54 4.38 24.20
C ASN E 188 17.42 5.40 24.25
N LYS E 189 16.37 5.23 23.45
CA LYS E 189 15.28 6.20 23.49
C LYS E 189 14.48 6.10 24.78
N ILE E 190 14.32 4.90 25.35
CA ILE E 190 13.64 4.78 26.64
C ILE E 190 14.46 5.45 27.74
N ILE E 191 15.78 5.25 27.73
CA ILE E 191 16.62 5.91 28.72
C ILE E 191 16.54 7.43 28.56
N GLU E 192 16.60 7.91 27.32
CA GLU E 192 16.40 9.33 27.05
C GLU E 192 15.09 9.82 27.65
N MET E 193 14.02 9.05 27.48
CA MET E 193 12.71 9.44 28.00
C MET E 193 12.73 9.49 29.52
N LEU E 194 13.43 8.56 30.16
CA LEU E 194 13.47 8.53 31.62
C LEU E 194 14.34 9.61 32.23
N ASN E 195 15.33 10.13 31.48
CA ASN E 195 16.23 11.16 31.98
C ASN E 195 15.88 12.54 31.44
N PHE E 196 14.64 12.75 31.00
CA PHE E 196 14.21 14.03 30.46
C PHE E 196 13.79 14.97 31.58
N MET F 1 -26.12 22.91 19.85
CA MET F 1 -25.48 21.60 20.16
C MET F 1 -24.04 21.79 20.59
N ARG F 2 -23.40 20.70 21.02
CA ARG F 2 -22.06 20.74 21.59
C ARG F 2 -21.20 19.67 20.91
N PHE F 3 -20.20 20.14 20.16
CA PHE F 3 -19.25 19.28 19.48
C PHE F 3 -17.84 19.73 19.84
N ILE F 4 -17.02 18.78 20.27
CA ILE F 4 -15.60 19.03 20.52
C ILE F 4 -14.87 18.88 19.19
N LEU F 5 -14.40 19.99 18.65
CA LEU F 5 -13.71 20.01 17.36
C LEU F 5 -12.23 19.78 17.59
N THR F 6 -11.64 18.84 16.86
CA THR F 6 -10.25 18.45 17.07
C THR F 6 -9.60 18.10 15.74
N GLY F 7 -8.28 17.92 15.81
CA GLY F 7 -7.46 17.64 14.65
C GLY F 7 -5.99 17.83 15.00
N VAL F 8 -5.09 17.31 14.16
CA VAL F 8 -3.66 17.45 14.43
C VAL F 8 -3.31 18.93 14.36
N PRO F 9 -2.30 19.38 15.12
CA PRO F 9 -2.02 20.82 15.18
C PRO F 9 -1.45 21.36 13.87
N GLY F 10 -1.73 22.63 13.62
CA GLY F 10 -1.19 23.31 12.45
C GLY F 10 -1.72 22.80 11.13
N ALA F 11 -2.92 22.24 11.11
CA ALA F 11 -3.50 21.70 9.89
C ALA F 11 -4.55 22.59 9.27
N GLY F 12 -5.31 23.33 10.07
CA GLY F 12 -6.34 24.21 9.56
C GLY F 12 -7.58 24.21 10.42
N LYS F 13 -7.42 23.90 11.70
CA LYS F 13 -8.56 23.78 12.60
C LYS F 13 -8.99 25.14 13.14
N THR F 14 -8.04 25.99 13.51
CA THR F 14 -8.41 27.29 14.07
C THR F 14 -9.04 28.19 13.02
N THR F 15 -8.69 28.02 11.75
CA THR F 15 -9.37 28.78 10.69
C THR F 15 -10.83 28.38 10.59
N VAL F 16 -11.09 27.07 10.59
CA VAL F 16 -12.47 26.58 10.65
C VAL F 16 -13.18 27.17 11.86
N CYS F 17 -12.50 27.17 13.02
CA CYS F 17 -13.11 27.69 14.23
C CYS F 17 -13.47 29.16 14.09
N ASN F 18 -12.56 29.96 13.53
CA ASN F 18 -12.82 31.39 13.40
C ASN F 18 -13.97 31.67 12.45
N LYS F 19 -13.97 31.02 11.29
CA LYS F 19 -15.05 31.25 10.34
C LYS F 19 -16.39 30.77 10.89
N LEU F 20 -16.38 29.66 11.63
CA LEU F 20 -17.61 29.21 12.29
C LEU F 20 -18.07 30.23 13.33
N ALA F 21 -17.14 30.74 14.13
CA ALA F 21 -17.50 31.71 15.16
C ALA F 21 -18.18 32.92 14.54
N GLU F 22 -17.60 33.47 13.48
CA GLU F 22 -18.16 34.69 12.90
C GLU F 22 -19.37 34.41 12.01
N LYS F 23 -19.57 33.17 11.54
CA LYS F 23 -20.70 32.88 10.66
C LYS F 23 -21.93 32.40 11.41
N MET F 24 -21.78 31.63 12.47
CA MET F 24 -22.87 30.92 13.12
C MET F 24 -23.28 31.64 14.40
N SER F 25 -24.44 32.29 14.37
CA SER F 25 -25.02 32.90 15.57
C SER F 25 -25.66 31.82 16.44
N ASN F 26 -26.06 32.23 17.64
CA ASN F 26 -26.59 31.30 18.64
C ASN F 26 -25.59 30.18 18.90
N LEU F 27 -24.33 30.57 19.08
CA LEU F 27 -23.23 29.62 19.19
C LEU F 27 -22.05 30.33 19.83
N SER F 28 -21.11 29.53 20.33
CA SER F 28 -19.92 30.06 20.97
C SER F 28 -18.75 29.13 20.69
N VAL F 29 -17.76 29.63 19.96
CA VAL F 29 -16.54 28.88 19.68
C VAL F 29 -15.51 29.22 20.76
N VAL F 30 -15.11 28.21 21.53
CA VAL F 30 -14.23 28.42 22.68
C VAL F 30 -13.05 27.47 22.58
N ASN F 31 -11.85 27.99 22.81
CA ASN F 31 -10.64 27.19 22.77
C ASN F 31 -10.34 26.71 24.19
N TYR F 32 -10.23 25.40 24.37
CA TYR F 32 -10.01 24.85 25.71
C TYR F 32 -8.68 25.34 26.29
N GLY F 33 -7.65 25.41 25.45
CA GLY F 33 -6.36 25.87 25.92
C GLY F 33 -6.40 27.30 26.44
N ASP F 34 -7.16 28.16 25.76
CA ASP F 34 -7.25 29.56 26.19
C ASP F 34 -7.92 29.68 27.55
N VAL F 35 -9.01 28.95 27.76
CA VAL F 35 -9.69 29.00 29.06
C VAL F 35 -8.81 28.40 30.14
N ILE F 36 -8.06 27.34 29.80
CA ILE F 36 -7.13 26.75 30.77
C ILE F 36 -6.06 27.76 31.17
N PHE F 37 -5.51 28.47 30.18
CA PHE F 37 -4.49 29.48 30.46
C PHE F 37 -5.06 30.59 31.33
N GLU F 38 -6.26 31.08 31.00
CA GLU F 38 -6.88 32.15 31.79
C GLU F 38 -7.10 31.70 33.22
N GLU F 39 -7.68 30.52 33.41
CA GLU F 39 -7.98 30.04 34.76
C GLU F 39 -6.70 29.81 35.55
N ALA F 40 -5.66 29.28 34.89
CA ALA F 40 -4.40 29.06 35.58
C ALA F 40 -3.76 30.37 36.00
N LYS F 41 -3.79 31.38 35.13
CA LYS F 41 -3.28 32.70 35.51
C LYS F 41 -4.04 33.25 36.69
N LYS F 42 -5.37 33.20 36.64
CA LYS F 42 -6.17 33.73 37.73
C LYS F 42 -5.86 33.01 39.05
N LEU F 43 -5.65 31.70 38.98
CA LEU F 43 -5.39 30.92 40.18
C LEU F 43 -3.91 30.93 40.59
N TYR F 44 -3.02 31.29 39.68
CA TYR F 44 -1.57 31.30 39.96
C TYR F 44 -0.94 32.47 39.21
N PRO F 45 -1.29 33.70 39.58
CA PRO F 45 -0.75 34.86 38.86
C PRO F 45 0.76 34.98 38.93
N SER F 46 1.41 34.32 39.90
CA SER F 46 2.85 34.48 40.07
C SER F 46 3.61 33.64 39.03
N ILE F 47 3.28 32.36 38.90
CA ILE F 47 4.05 31.48 38.03
C ILE F 47 3.50 31.40 36.61
N ILE F 48 2.26 31.84 36.40
CA ILE F 48 1.63 31.80 35.08
C ILE F 48 1.76 33.17 34.46
N GLN F 49 2.51 33.27 33.37
CA GLN F 49 2.60 34.47 32.56
C GLN F 49 2.45 34.17 31.07
N VAL F 50 3.05 33.08 30.59
CA VAL F 50 2.85 32.61 29.22
C VAL F 50 2.29 31.20 29.30
N ARG F 51 1.46 30.85 28.32
CA ARG F 51 0.75 29.58 28.37
C ARG F 51 1.69 28.40 28.56
N GLU F 52 2.91 28.49 28.01
CA GLU F 52 3.87 27.39 28.18
C GLU F 52 4.22 27.14 29.65
N ASP F 53 3.88 28.07 30.54
CA ASP F 53 4.09 27.84 31.98
C ASP F 53 3.20 26.73 32.52
N THR F 54 2.19 26.29 31.77
CA THR F 54 1.25 25.30 32.28
C THR F 54 1.93 24.04 32.77
N ARG F 55 3.16 23.75 32.31
CA ARG F 55 3.82 22.51 32.70
C ARG F 55 4.50 22.60 34.06
N LYS F 56 4.76 23.82 34.55
CA LYS F 56 5.34 23.98 35.87
C LYS F 56 4.37 23.64 37.00
N LEU F 57 3.10 23.31 36.67
CA LEU F 57 2.10 22.98 37.67
C LEU F 57 2.06 21.48 37.93
N PRO F 58 1.75 21.06 39.16
CA PRO F 58 1.60 19.63 39.42
C PRO F 58 0.36 19.06 38.75
N ARG F 59 0.28 17.73 38.76
CA ARG F 59 -0.82 17.04 38.09
C ARG F 59 -2.17 17.47 38.64
N ALA F 60 -2.32 17.44 39.97
CA ALA F 60 -3.62 17.71 40.58
C ALA F 60 -4.09 19.12 40.28
N ASP F 61 -3.20 20.10 40.38
CA ASP F 61 -3.59 21.48 40.13
C ASP F 61 -4.00 21.69 38.69
N TYR F 62 -3.27 21.08 37.74
CA TYR F 62 -3.63 21.21 36.34
C TYR F 62 -4.98 20.55 36.07
N ARG F 63 -5.24 19.40 36.70
CA ARG F 63 -6.54 18.76 36.53
C ARG F 63 -7.67 19.64 37.08
N ASN F 64 -7.43 20.27 38.24
CA ASN F 64 -8.45 21.16 38.80
C ASN F 64 -8.71 22.35 37.88
N ILE F 65 -7.63 22.90 37.30
CA ILE F 65 -7.80 24.00 36.35
C ILE F 65 -8.61 23.53 35.14
N GLN F 66 -8.33 22.32 34.66
CA GLN F 66 -9.09 21.78 33.54
C GLN F 66 -10.57 21.66 33.89
N ILE F 67 -10.86 21.18 35.10
CA ILE F 67 -12.26 21.04 35.53
C ILE F 67 -12.95 22.40 35.56
N GLU F 68 -12.31 23.38 36.18
CA GLU F 68 -12.93 24.71 36.29
C GLU F 68 -13.12 25.34 34.91
N ALA F 69 -12.14 25.17 34.02
CA ALA F 69 -12.27 25.67 32.67
C ALA F 69 -13.46 25.01 31.96
N ALA F 70 -13.59 23.69 32.12
CA ALA F 70 -14.74 23.00 31.53
C ALA F 70 -16.05 23.57 32.07
N LYS F 71 -16.09 23.86 33.37
CA LYS F 71 -17.31 24.39 33.96
C LYS F 71 -17.66 25.74 33.35
N LYS F 72 -16.69 26.65 33.29
CA LYS F 72 -16.93 27.96 32.69
C LYS F 72 -17.41 27.83 31.25
N ILE F 73 -16.72 27.00 30.46
CA ILE F 73 -17.09 26.78 29.08
C ILE F 73 -18.53 26.27 28.97
N SER F 74 -18.89 25.31 29.83
CA SER F 74 -20.25 24.81 29.82
C SER F 74 -21.25 25.89 30.22
N LEU F 75 -20.81 26.87 31.00
CA LEU F 75 -21.72 27.90 31.48
C LEU F 75 -22.03 28.94 30.42
N ILE F 76 -21.05 29.33 29.59
CA ILE F 76 -21.26 30.52 28.74
C ILE F 76 -22.53 30.38 27.89
N THR F 77 -22.61 29.34 27.06
CA THR F 77 -23.70 29.21 26.10
C THR F 77 -24.11 27.76 25.95
N ASP F 78 -25.37 27.55 25.53
CA ASP F 78 -25.87 26.22 25.23
C ASP F 78 -25.13 25.63 24.03
N ASN F 79 -25.40 26.16 22.85
CA ASN F 79 -24.65 25.75 21.66
C ASN F 79 -23.18 26.05 21.87
N LEU F 80 -22.32 25.16 21.38
CA LEU F 80 -20.91 25.24 21.72
C LEU F 80 -20.09 24.48 20.70
N ILE F 81 -18.89 25.00 20.43
CA ILE F 81 -17.87 24.30 19.67
C ILE F 81 -16.55 24.50 20.42
N VAL F 82 -16.01 23.42 20.98
CA VAL F 82 -14.83 23.48 21.82
C VAL F 82 -13.63 23.04 20.98
N ASP F 83 -12.80 24.01 20.63
CA ASP F 83 -11.54 23.75 19.93
C ASP F 83 -10.52 23.23 20.94
N THR F 84 -10.13 21.97 20.80
CA THR F 84 -9.16 21.37 21.70
C THR F 84 -8.40 20.30 20.92
N HIS F 85 -7.64 19.49 21.66
CA HIS F 85 -6.85 18.41 21.07
C HIS F 85 -7.20 17.11 21.75
N MET F 86 -7.42 16.07 20.95
CA MET F 86 -7.67 14.75 21.52
C MET F 86 -6.41 14.19 22.18
N SER F 87 -5.25 14.49 21.61
CA SER F 87 -3.98 14.04 22.17
C SER F 87 -2.88 14.96 21.67
N LEU F 88 -1.83 15.09 22.48
CA LEU F 88 -0.66 15.87 22.12
C LEU F 88 0.59 15.03 22.29
N LYS F 89 1.54 15.23 21.38
CA LYS F 89 2.81 14.51 21.44
C LYS F 89 3.68 15.06 22.54
N THR F 90 4.34 14.17 23.26
CA THR F 90 5.20 14.47 24.39
C THR F 90 6.44 13.62 24.28
N PRO F 91 7.56 14.04 24.87
CA PRO F 91 8.70 13.13 24.97
C PRO F 91 8.34 11.80 25.62
N TYR F 92 7.18 11.74 26.30
CA TYR F 92 6.71 10.53 26.96
C TYR F 92 5.67 9.78 26.13
N GLY F 93 5.23 10.33 25.01
CA GLY F 93 4.24 9.70 24.16
C GLY F 93 3.04 10.61 23.93
N PHE F 94 1.99 10.03 23.39
CA PHE F 94 0.75 10.78 23.18
C PHE F 94 0.00 10.86 24.50
N TYR F 95 -0.34 12.08 24.92
CA TYR F 95 -1.10 12.28 26.15
C TYR F 95 -2.44 12.92 25.84
N PRO F 96 -3.52 12.48 26.50
CA PRO F 96 -4.85 13.01 26.16
C PRO F 96 -4.97 14.49 26.52
N GLY F 97 -5.78 15.19 25.71
CA GLY F 97 -6.05 16.59 25.96
C GLY F 97 -7.26 16.79 26.85
N LEU F 98 -8.10 15.76 26.96
CA LEU F 98 -9.28 15.80 27.78
C LEU F 98 -9.12 14.88 29.00
N ILE F 99 -9.73 15.27 30.10
CA ILE F 99 -9.93 14.37 31.23
C ILE F 99 -11.40 13.96 31.21
N PRO F 100 -11.76 12.81 31.80
CA PRO F 100 -13.18 12.42 31.79
C PRO F 100 -14.10 13.52 32.33
N GLU F 101 -13.60 14.34 33.25
CA GLU F 101 -14.42 15.41 33.79
C GLU F 101 -14.79 16.42 32.72
N THR F 102 -13.93 16.63 31.73
CA THR F 102 -14.25 17.58 30.66
C THR F 102 -15.55 17.18 29.97
N ILE F 103 -15.68 15.89 29.65
CA ILE F 103 -16.89 15.42 28.97
C ILE F 103 -18.05 15.28 29.95
N ASN F 104 -17.76 14.97 31.22
CA ASN F 104 -18.84 14.88 32.22
C ASN F 104 -19.42 16.25 32.54
N ILE F 105 -18.65 17.31 32.35
CA ILE F 105 -19.11 18.66 32.64
C ILE F 105 -19.74 19.30 31.40
N ILE F 106 -19.01 19.33 30.28
CA ILE F 106 -19.54 19.99 29.09
C ILE F 106 -20.65 19.16 28.46
N GLN F 107 -20.63 17.85 28.66
CA GLN F 107 -21.63 16.95 28.09
C GLN F 107 -21.80 17.22 26.59
N PRO F 108 -20.71 17.12 25.82
CA PRO F 108 -20.81 17.42 24.39
C PRO F 108 -21.66 16.39 23.67
N ASP F 109 -22.40 16.86 22.66
CA ASP F 109 -23.16 15.95 21.83
C ASP F 109 -22.24 15.03 21.05
N GLY F 110 -21.09 15.55 20.60
CA GLY F 110 -20.20 14.70 19.83
C GLY F 110 -18.79 15.21 19.75
N ILE F 111 -17.96 14.46 19.04
CA ILE F 111 -16.57 14.80 18.76
C ILE F 111 -16.39 14.84 17.26
N ILE F 112 -15.87 15.95 16.75
CA ILE F 112 -15.57 16.11 15.34
C ILE F 112 -14.05 16.05 15.18
N LEU F 113 -13.59 15.30 14.18
CA LEU F 113 -12.17 15.16 13.89
C LEU F 113 -11.93 15.56 12.44
N LEU F 114 -11.12 16.61 12.24
CA LEU F 114 -10.71 17.04 10.91
C LEU F 114 -9.48 16.21 10.51
N GLU F 115 -9.66 15.25 9.61
CA GLU F 115 -8.58 14.38 9.18
C GLU F 115 -8.03 14.88 7.85
N PHE F 116 -6.77 15.31 7.87
CA PHE F 116 -6.12 15.90 6.71
C PHE F 116 -5.17 14.89 6.05
N ASN F 117 -4.59 15.31 4.92
CA ASN F 117 -3.54 14.55 4.25
C ASN F 117 -2.18 15.02 4.75
N PRO F 118 -1.31 14.12 5.22
CA PRO F 118 -0.05 14.57 5.85
C PRO F 118 0.72 15.58 5.02
N ARG F 119 0.69 15.45 3.70
CA ARG F 119 1.44 16.37 2.85
C ARG F 119 0.93 17.81 3.02
N ASP F 120 -0.39 17.98 2.93
CA ASP F 120 -0.98 19.30 3.14
C ASP F 120 -0.70 19.81 4.54
N VAL F 121 -0.69 18.91 5.54
CA VAL F 121 -0.39 19.33 6.89
C VAL F 121 1.02 19.91 6.97
N ILE F 122 1.99 19.22 6.38
CA ILE F 122 3.37 19.71 6.41
C ILE F 122 3.49 21.04 5.68
N ALA F 123 2.90 21.12 4.48
CA ALA F 123 2.95 22.36 3.72
C ALA F 123 2.36 23.52 4.51
N ARG F 124 1.20 23.31 5.13
CA ARG F 124 0.55 24.39 5.86
C ARG F 124 1.31 24.76 7.13
N ARG F 125 1.89 23.77 7.81
CA ARG F 125 2.67 24.06 9.00
C ARG F 125 3.86 24.94 8.65
N GLU F 126 4.57 24.62 7.56
CA GLU F 126 5.69 25.46 7.17
C GLU F 126 5.23 26.82 6.65
N LYS F 127 4.08 26.87 5.98
CA LYS F 127 3.55 28.15 5.53
C LYS F 127 3.26 29.06 6.71
N ASP F 128 2.57 28.58 7.76
CA ASP F 128 2.23 29.41 8.95
C ASP F 128 3.54 29.68 9.77
N ARG F 129 4.55 28.78 9.94
CA ARG F 129 5.84 29.09 10.53
C ARG F 129 6.54 30.19 9.75
N LEU F 130 6.32 30.24 8.43
CA LEU F 130 6.91 31.30 7.63
C LEU F 130 6.26 32.64 7.91
N ALA F 131 4.97 32.65 8.26
CA ALA F 131 4.27 33.87 8.63
C ALA F 131 4.26 34.11 10.13
N GLY F 132 5.14 33.43 10.88
CA GLY F 132 5.25 33.64 12.31
C GLY F 132 4.10 33.05 13.10
N LYS F 133 4.25 31.77 13.48
CA LYS F 133 3.22 31.07 14.25
C LYS F 133 3.73 29.70 14.68
N ASP F 138 9.31 18.52 16.09
CA ASP F 138 8.92 19.88 15.75
C ASP F 138 8.60 19.98 14.27
N MET F 139 9.24 19.13 13.46
CA MET F 139 8.97 19.03 12.02
C MET F 139 8.67 17.56 11.72
N GLU F 140 7.41 17.18 11.90
CA GLU F 140 7.01 15.79 11.76
C GLU F 140 7.08 15.34 10.29
N SER F 141 6.97 14.04 10.10
CA SER F 141 6.95 13.42 8.78
C SER F 141 5.57 12.84 8.51
N GLU F 142 5.37 12.39 7.27
CA GLU F 142 4.10 11.81 6.88
C GLU F 142 3.66 10.75 7.89
N THR F 143 4.57 9.85 8.24
CA THR F 143 4.20 8.74 9.12
C THR F 143 3.86 9.22 10.52
N ASP F 144 4.61 10.21 11.03
CA ASP F 144 4.29 10.78 12.33
C ASP F 144 2.89 11.37 12.33
N ILE F 145 2.55 12.14 11.28
CA ILE F 145 1.27 12.81 11.24
C ILE F 145 0.13 11.79 11.09
N LEU F 146 0.34 10.74 10.29
CA LEU F 146 -0.70 9.74 10.14
C LEU F 146 -0.89 8.95 11.42
N LEU F 147 0.20 8.61 12.12
CA LEU F 147 0.09 7.98 13.42
C LEU F 147 -0.68 8.87 14.38
N HIS F 148 -0.39 10.17 14.37
CA HIS F 148 -1.09 11.09 15.26
C HIS F 148 -2.58 11.11 14.95
N GLN F 149 -2.94 11.15 13.68
CA GLN F 149 -4.37 11.18 13.32
C GLN F 149 -5.04 9.88 13.72
N GLN F 150 -4.38 8.75 13.51
CA GLN F 150 -4.97 7.47 13.90
C GLN F 150 -5.18 7.41 15.41
N VAL F 151 -4.18 7.89 16.17
CA VAL F 151 -4.29 7.88 17.64
C VAL F 151 -5.43 8.78 18.09
N ASN F 152 -5.53 9.97 17.50
CA ASN F 152 -6.66 10.85 17.82
C ASN F 152 -7.98 10.15 17.53
N ARG F 153 -8.05 9.41 16.41
CA ARG F 153 -9.29 8.74 16.04
C ARG F 153 -9.66 7.69 17.09
N MET F 154 -8.70 6.86 17.50
CA MET F 154 -9.05 5.82 18.47
C MET F 154 -9.33 6.43 19.85
N PHE F 155 -8.69 7.55 20.19
CA PHE F 155 -9.08 8.27 21.40
C PHE F 155 -10.54 8.69 21.32
N ALA F 156 -10.96 9.27 20.19
CA ALA F 156 -12.32 9.73 20.05
C ALA F 156 -13.30 8.56 20.13
N VAL F 157 -12.96 7.43 19.50
CA VAL F 157 -13.85 6.28 19.54
C VAL F 157 -13.96 5.73 20.95
N SER F 158 -12.85 5.76 21.71
CA SER F 158 -12.90 5.31 23.10
C SER F 158 -13.80 6.22 23.93
N TYR F 159 -13.65 7.54 23.75
CA TYR F 159 -14.51 8.47 24.47
C TYR F 159 -15.97 8.27 24.07
N SER F 160 -16.24 7.91 22.82
CA SER F 160 -17.62 7.67 22.40
C SER F 160 -18.17 6.40 23.03
N ALA F 161 -17.37 5.34 23.06
CA ALA F 161 -17.81 4.09 23.68
C ALA F 161 -18.02 4.26 25.18
N ILE F 162 -17.30 5.20 25.80
CA ILE F 162 -17.46 5.41 27.23
C ILE F 162 -18.65 6.30 27.54
N ASN F 163 -18.84 7.37 26.76
CA ASN F 163 -19.82 8.40 27.08
C ASN F 163 -21.00 8.43 26.11
N GLN F 164 -21.04 7.55 25.12
CA GLN F 164 -22.15 7.50 24.18
C GLN F 164 -22.34 8.84 23.48
N CYS F 165 -21.48 9.15 22.52
CA CYS F 165 -21.58 10.39 21.74
C CYS F 165 -21.17 10.10 20.31
N TYR F 166 -21.44 11.07 19.44
CA TYR F 166 -21.11 10.92 18.03
C TYR F 166 -19.62 11.10 17.79
N VAL F 167 -19.14 10.48 16.71
CA VAL F 167 -17.75 10.64 16.27
C VAL F 167 -17.82 10.96 14.78
N LYS F 168 -17.85 12.25 14.45
CA LYS F 168 -17.94 12.70 13.07
C LYS F 168 -16.53 12.96 12.55
N ILE F 169 -16.10 12.15 11.59
CA ILE F 169 -14.78 12.28 10.97
C ILE F 169 -14.96 13.01 9.66
N ILE F 170 -14.54 14.27 9.61
CA ILE F 170 -14.61 15.08 8.40
C ILE F 170 -13.30 14.85 7.64
N ASP F 171 -13.42 14.22 6.47
CA ASP F 171 -12.26 13.85 5.65
C ASP F 171 -11.92 15.01 4.73
N LEU F 172 -10.75 15.60 4.93
CA LEU F 172 -10.20 16.61 4.04
C LEU F 172 -8.90 16.12 3.40
N THR F 173 -8.79 14.80 3.23
CA THR F 173 -7.58 14.18 2.70
C THR F 173 -7.48 14.27 1.18
N TRP F 174 -8.40 14.98 0.52
CA TRP F 174 -8.37 15.14 -0.91
C TRP F 174 -7.64 16.42 -1.30
N PRO F 175 -7.11 16.49 -2.52
CA PRO F 175 -6.38 17.69 -2.93
C PRO F 175 -7.32 18.86 -3.16
N GLN F 176 -6.87 20.05 -2.75
CA GLN F 176 -7.67 21.24 -2.92
C GLN F 176 -7.67 21.68 -4.38
N GLU F 177 -8.77 22.30 -4.80
CA GLU F 177 -8.86 22.94 -6.10
C GLU F 177 -8.41 24.40 -6.04
N TYR F 178 -8.90 25.14 -5.07
CA TYR F 178 -8.50 26.52 -4.81
C TYR F 178 -8.02 26.64 -3.38
N GLU F 179 -7.34 27.75 -3.08
CA GLU F 179 -6.79 27.95 -1.74
C GLU F 179 -7.91 28.09 -0.73
N PHE F 180 -7.77 27.41 0.40
CA PHE F 180 -8.71 27.47 1.51
C PHE F 180 -10.06 26.83 1.15
N GLN F 181 -10.03 25.78 0.32
CA GLN F 181 -11.25 25.03 0.03
C GLN F 181 -11.59 24.06 1.15
N HIS F 182 -10.58 23.52 1.83
CA HIS F 182 -10.85 22.56 2.90
C HIS F 182 -11.54 23.24 4.08
N THR F 183 -11.15 24.46 4.41
CA THR F 183 -11.81 25.17 5.50
C THR F 183 -13.28 25.43 5.16
N GLU F 184 -13.55 25.84 3.92
CA GLU F 184 -14.93 26.05 3.50
C GLU F 184 -15.72 24.75 3.57
N TYR F 185 -15.13 23.65 3.08
CA TYR F 185 -15.80 22.36 3.15
C TYR F 185 -16.15 22.01 4.58
N ALA F 186 -15.17 22.08 5.48
CA ALA F 186 -15.40 21.69 6.86
C ALA F 186 -16.42 22.59 7.53
N VAL F 187 -16.35 23.90 7.28
CA VAL F 187 -17.30 24.82 7.90
C VAL F 187 -18.70 24.58 7.38
N ASN F 188 -18.84 24.35 6.07
CA ASN F 188 -20.16 24.10 5.50
C ASN F 188 -20.75 22.82 6.06
N LYS F 189 -19.94 21.77 6.21
CA LYS F 189 -20.46 20.52 6.74
C LYS F 189 -20.81 20.66 8.22
N ILE F 190 -20.01 21.38 8.99
CA ILE F 190 -20.32 21.60 10.39
C ILE F 190 -21.61 22.40 10.54
N ILE F 191 -21.85 23.35 9.61
CA ILE F 191 -23.08 24.12 9.66
C ILE F 191 -24.28 23.25 9.30
N GLU F 192 -24.21 22.59 8.15
CA GLU F 192 -25.26 21.63 7.77
C GLU F 192 -25.54 20.66 8.92
N MET F 193 -24.53 20.34 9.71
CA MET F 193 -24.74 19.47 10.87
C MET F 193 -25.51 20.20 11.95
N LEU F 194 -25.05 21.38 12.37
CA LEU F 194 -25.73 22.15 13.40
C LEU F 194 -27.15 22.53 13.00
N ASN F 195 -27.51 22.42 11.72
CA ASN F 195 -28.84 22.74 11.23
C ASN F 195 -29.42 21.49 10.57
N PHE F 196 -30.05 20.64 11.37
CA PHE F 196 -30.64 19.42 10.86
C PHE F 196 -31.81 18.97 11.75
N1 CTP G . 5.47 24.30 -9.57
C2 CTP G . 5.32 24.22 -8.16
N3 CTP G . 6.28 23.56 -7.43
C4 CTP G . 7.30 23.01 -8.11
C5 CTP G . 7.45 23.07 -9.49
C6 CTP G . 6.48 23.74 -10.19
O2 CTP G . 4.37 24.74 -7.65
N4 CTP G . 8.22 22.36 -7.39
C1' CTP G . 4.47 24.97 -10.32
C2' CTP G . 5.00 26.21 -11.00
O2' CTP G . 4.67 27.32 -10.26
C3' CTP G . 4.27 26.13 -12.37
C4' CTP G . 3.44 24.86 -12.28
O4' CTP G . 4.08 24.08 -11.29
O3' CTP G . 3.38 27.22 -12.55
C5' CTP G . 3.47 24.14 -13.60
O5' CTP G . 4.82 23.74 -13.85
PA CTP G . 5.63 24.31 -15.06
O1A CTP G . 4.59 24.84 -15.88
O2A CTP G . 6.66 25.24 -14.52
O3A CTP G . 6.30 23.08 -15.72
PB CTP G . 5.73 22.01 -16.94
O1B CTP G . 6.90 21.77 -17.81
O2B CTP G . 5.47 20.84 -16.10
O3B CTP G . 4.48 22.61 -17.60
PG CTP G . 3.82 22.34 -19.17
O1G CTP G . 3.88 20.90 -19.60
O2G CTP G . 2.43 22.88 -19.21
O3G CTP G . 4.74 23.23 -19.97
N1 CTP H . 23.03 -15.13 1.80
C2 CTP H . 22.20 -15.39 2.92
N3 CTP H . 21.08 -16.17 2.77
C4 CTP H . 20.82 -16.66 1.54
C5 CTP H . 21.62 -16.41 0.42
C6 CTP H . 22.73 -15.63 0.60
O2 CTP H . 22.51 -14.91 3.98
N4 CTP H . 19.72 -17.42 1.42
C1' CTP H . 24.19 -14.31 1.99
C2' CTP H . 25.42 -15.11 1.67
O2' CTP H . 25.86 -15.74 2.82
C3' CTP H . 26.31 -13.99 1.24
C4' CTP H . 25.37 -13.16 0.41
O4' CTP H . 24.11 -13.21 1.12
O3' CTP H . 26.73 -13.24 2.37
C5' CTP H . 25.22 -13.79 -0.97
O5' CTP H . 26.08 -13.08 -1.88
PA CTP H . 26.15 -13.48 -3.38
O1A CTP H . 25.35 -14.73 -3.53
O2A CTP H . 27.58 -13.53 -3.56
O3A CTP H . 25.49 -12.28 -4.14
PB CTP H . 25.11 -12.00 -5.81
O1B CTP H . 25.36 -13.38 -6.32
O2B CTP H . 23.64 -11.55 -5.64
O3B CTP H . 26.12 -10.95 -6.34
PG CTP H . 27.85 -10.77 -6.11
O1G CTP H . 28.66 -11.60 -7.08
O2G CTP H . 28.21 -9.32 -6.17
O3G CTP H . 27.96 -11.26 -4.67
N1 CTP I . -18.26 -12.53 -17.57
C2 CTP I . -19.15 -11.89 -16.66
N3 CTP I . -19.21 -10.53 -16.61
C4 CTP I . -18.40 -9.84 -17.45
C5 CTP I . -17.52 -10.45 -18.35
C6 CTP I . -17.47 -11.82 -18.37
O2 CTP I . -19.82 -12.59 -15.92
N4 CTP I . -18.50 -8.50 -17.41
C1' CTP I . -18.20 -13.96 -17.54
C2' CTP I . -19.04 -14.54 -18.64
O2' CTP I . -20.33 -14.80 -18.16
C3' CTP I . -18.25 -15.80 -18.92
C4' CTP I . -16.85 -15.27 -18.83
O4' CTP I . -16.85 -14.34 -17.72
O3' CTP I . -18.47 -16.78 -17.90
C5' CTP I . -16.52 -14.53 -20.08
O5' CTP I . -15.11 -14.59 -20.27
PA CTP I . -14.50 -14.61 -21.70
O1A CTP I . -15.06 -15.83 -22.20
O2A CTP I . -14.83 -13.32 -22.36
O3A CTP I . -12.99 -14.69 -21.42
PB CTP I . -11.80 -15.13 -22.49
O1B CTP I . -12.70 -15.95 -23.41
O2B CTP I . -11.33 -13.78 -22.94
O3B CTP I . -10.74 -16.00 -21.80
PG CTP I . -10.47 -17.71 -22.14
O1G CTP I . -9.77 -17.95 -23.46
O2G CTP I . -9.76 -18.36 -21.00
O3G CTP I . -11.91 -18.18 -22.16
N1 CTP J . -24.60 -11.11 -0.37
C2 CTP J . -23.97 -11.73 -1.49
N3 CTP J . -22.88 -12.54 -1.30
C4 CTP J . -22.44 -12.72 -0.02
C5 CTP J . -23.05 -12.10 1.09
C6 CTP J . -24.14 -11.30 0.88
O2 CTP J . -24.44 -11.52 -2.60
N4 CTP J . -21.36 -13.52 0.14
C1' CTP J . -25.75 -10.25 -0.64
C2' CTP J . -27.00 -11.10 -0.68
O2' CTP J . -27.20 -11.53 -1.98
C3' CTP J . -28.01 -10.05 -0.25
C4' CTP J . -27.24 -9.31 0.82
O4' CTP J . -25.87 -9.31 0.40
O3' CTP J . -28.31 -9.16 -1.32
C5' CTP J . -27.30 -10.04 2.11
O5' CTP J . -26.73 -9.22 3.14
PA CTP J . -27.35 -9.36 4.54
O1A CTP J . -27.68 -10.81 4.65
O2A CTP J . -28.44 -8.40 4.43
O3A CTP J . -26.26 -8.94 5.56
PB CTP J . -26.08 -7.52 6.50
O1B CTP J . -24.63 -7.31 6.31
O2B CTP J . -26.47 -7.91 7.93
O3B CTP J . -27.00 -6.44 5.86
PG CTP J . -28.51 -5.66 6.42
O1G CTP J . -29.51 -6.71 6.02
O2G CTP J . -28.75 -4.41 5.63
O3G CTP J . -28.51 -5.38 7.92
N1 CTP K . 16.68 -10.89 18.70
C2 CTP K . 17.31 -10.55 17.40
N3 CTP K . 17.43 -9.18 17.01
C4 CTP K . 17.08 -8.30 17.97
C5 CTP K . 16.42 -8.66 19.16
C6 CTP K . 16.28 -9.96 19.49
O2 CTP K . 17.67 -11.46 16.67
N4 CTP K . 17.23 -7.05 17.52
C1' CTP K . 16.48 -12.28 19.12
C2' CTP K . 17.46 -12.63 20.17
O2' CTP K . 18.70 -12.89 19.59
C3' CTP K . 16.78 -13.90 20.75
C4' CTP K . 15.28 -13.74 20.32
O4' CTP K . 15.20 -12.43 19.71
O3' CTP K . 17.31 -15.07 20.14
C5' CTP K . 14.36 -13.98 21.56
O5' CTP K . 13.52 -12.82 21.87
PA CTP K . 13.60 -12.15 23.32
O1A CTP K . 13.71 -13.34 24.14
O2A CTP K . 14.74 -11.24 23.17
O3A CTP K . 12.30 -11.35 23.51
PB CTP K . 10.73 -11.78 24.04
O1B CTP K . 10.01 -11.12 22.90
O2B CTP K . 10.61 -11.08 25.40
O3B CTP K . 10.68 -13.32 24.03
PG CTP K . 9.67 -14.47 24.89
O1G CTP K . 9.72 -15.78 24.17
O2G CTP K . 8.26 -13.99 25.11
O3G CTP K . 10.46 -14.59 26.18
N1 CTP L . -3.48 26.90 6.31
C2 CTP L . -3.31 27.03 4.88
N3 CTP L . -4.32 26.63 4.03
C4 CTP L . -5.45 26.14 4.60
C5 CTP L . -5.62 26.00 5.99
C6 CTP L . -4.60 26.40 6.82
O2 CTP L . -2.27 27.49 4.45
N4 CTP L . -6.43 25.76 3.77
C1' CTP L . -2.35 27.33 7.16
C2' CTP L . -2.57 28.70 7.73
O2' CTP L . -2.16 29.65 6.80
C3' CTP L . -1.64 28.63 8.97
C4' CTP L . -1.37 27.12 9.17
O4' CTP L . -2.24 26.44 8.22
O3' CTP L . -0.39 29.27 8.73
C5' CTP L . -1.66 26.68 10.59
O5' CTP L . -2.65 27.51 11.22
PA CTP L . -4.19 27.37 10.94
O1A CTP L . -4.37 26.73 9.60
O2A CTP L . -4.57 28.75 11.09
O3A CTP L . -4.76 26.46 12.10
PB CTP L . -4.15 25.18 13.05
O1B CTP L . -4.38 24.35 11.90
O2B CTP L . -2.81 25.91 13.34
O3B CTP L . -5.01 24.79 14.21
PG CTP L . -4.78 23.65 15.56
O1G CTP L . -4.94 22.22 15.11
O2G CTP L . -3.45 23.90 16.17
O3G CTP L . -5.84 24.07 16.53
#